data_8SJ0
#
_entry.id   8SJ0
#
_cell.length_a   77.503
_cell.length_b   98.300
_cell.length_c   143.205
_cell.angle_alpha   90.00
_cell.angle_beta   90.00
_cell.angle_gamma   90.00
#
_symmetry.space_group_name_H-M   'P 21 21 21'
#
loop_
_entity.id
_entity.type
_entity.pdbx_description
1 polymer 'Cyclic GMP-AMP synthase'
2 polymer 'Palindromic DNA18'
3 non-polymer "2'-DEOXYADENOSINE 5'-TRIPHOSPHATE"
4 non-polymer 'ZINC ION'
5 non-polymer 'MAGNESIUM ION'
6 water water
#
loop_
_entity_poly.entity_id
_entity_poly.type
_entity_poly.pdbx_seq_one_letter_code
_entity_poly.pdbx_strand_id
1 'polypeptide(L)'
;GTGPDKLKKVLDKLRLKRKDISEAAETVNKVVERLLRRMQKRESEFKGVEQLNTGSYYEHVKISAPNEFDVMFKLEVPRI
ELQEYYETGAFYLVKFKRIPRGNPLSHFLEGEVLSATKMLSKFRKIIKEEVKEIKDIDVSVEKEKPGSPAVTLLIRNPEE
ISVDIILALESKGSWPISTKEGLPIQGWLGTKVRTNLRREPFYLVPKNAKDGNSFQGETWRLSFSHTEKYILNNHGIEKT
CCESSGAKCCRKECLKLMKYLLEQLKKEFQELDAFCSYHVKTAIFHMWTQDPQDSQWDPRNLSSCFDKLLAFFLECLRTE
KLDHYFIPKFNLFSQELIDRKSKEFLSKKIEYERNNGFPIFDKL
;
A,C
2 'polydeoxyribonucleotide' (DA)(DT)(DC)(DT)(DG)(DT)(DA)(DC)(DA)(DT)(DG)(DT)(DA)(DC)(DA)(DG)(DA)(DT) E,F,I,J
#
# COMPACT_ATOMS: atom_id res chain seq x y z
N ASP A 5 20.65 -28.41 2.44
CA ASP A 5 20.08 -29.65 1.93
C ASP A 5 19.32 -30.46 3.00
N LYS A 6 19.97 -30.69 4.15
CA LYS A 6 19.26 -31.30 5.28
C LYS A 6 18.00 -30.52 5.64
N LEU A 7 18.10 -29.19 5.78
CA LEU A 7 16.93 -28.40 6.12
C LEU A 7 15.96 -28.30 4.94
N LYS A 8 16.47 -28.31 3.70
CA LYS A 8 15.56 -28.29 2.56
C LYS A 8 14.56 -29.44 2.65
N LYS A 9 15.04 -30.62 3.04
CA LYS A 9 14.16 -31.78 3.08
C LYS A 9 13.14 -31.71 4.23
N VAL A 10 13.50 -31.08 5.35
CA VAL A 10 12.50 -30.87 6.40
C VAL A 10 11.32 -30.08 5.86
N LEU A 11 11.62 -28.95 5.20
CA LEU A 11 10.57 -28.15 4.61
C LEU A 11 9.68 -28.97 3.68
N ASP A 12 10.25 -29.96 2.99
CA ASP A 12 9.46 -30.80 2.11
C ASP A 12 8.46 -31.63 2.90
N LYS A 13 8.91 -32.23 3.99
CA LYS A 13 7.97 -32.86 4.91
C LYS A 13 6.92 -31.86 5.37
N LEU A 14 7.35 -30.63 5.71
CA LEU A 14 6.44 -29.63 6.30
C LEU A 14 5.43 -29.06 5.31
N ARG A 15 5.63 -29.24 4.01
CA ARG A 15 4.80 -28.57 3.03
C ARG A 15 3.40 -29.18 3.04
N LEU A 16 2.38 -28.31 3.06
CA LEU A 16 1.01 -28.79 3.00
C LEU A 16 0.69 -29.32 1.60
N LYS A 17 -0.25 -30.26 1.54
CA LYS A 17 -0.68 -30.88 0.30
C LYS A 17 -1.97 -30.20 -0.19
N ARG A 18 -1.99 -29.84 -1.47
CA ARG A 18 -3.17 -29.16 -2.03
C ARG A 18 -4.47 -29.96 -1.76
N LYS A 19 -4.44 -31.27 -2.01
CA LYS A 19 -5.58 -32.12 -1.71
C LYS A 19 -6.08 -31.90 -0.28
N ASP A 20 -5.17 -31.92 0.71
CA ASP A 20 -5.58 -31.69 2.09
C ASP A 20 -6.09 -30.27 2.25
N ILE A 21 -5.35 -29.28 1.72
CA ILE A 21 -5.79 -27.90 1.80
C ILE A 21 -7.23 -27.79 1.34
N SER A 22 -7.55 -28.50 0.25
CA SER A 22 -8.88 -28.40 -0.37
C SER A 22 -9.97 -28.97 0.52
N GLU A 23 -9.81 -30.24 0.93
CA GLU A 23 -10.83 -30.88 1.76
C GLU A 23 -11.03 -30.15 3.07
N ALA A 24 -9.96 -29.59 3.66
CA ALA A 24 -10.10 -28.88 4.92
C ALA A 24 -10.71 -27.50 4.74
N ALA A 25 -10.33 -26.75 3.70
CA ALA A 25 -10.94 -25.44 3.50
C ALA A 25 -12.43 -25.56 3.17
N GLU A 26 -12.81 -26.52 2.32
CA GLU A 26 -14.21 -26.64 1.95
C GLU A 26 -15.08 -26.78 3.21
N THR A 27 -14.69 -27.68 4.13
CA THR A 27 -15.43 -27.83 5.38
C THR A 27 -15.36 -26.55 6.23
N VAL A 28 -14.14 -26.13 6.60
CA VAL A 28 -13.98 -24.99 7.49
C VAL A 28 -14.81 -23.80 7.01
N ASN A 29 -14.78 -23.53 5.70
CA ASN A 29 -15.50 -22.35 5.18
C ASN A 29 -17.01 -22.51 5.31
N LYS A 30 -17.51 -23.74 5.14
CA LYS A 30 -18.93 -23.99 5.36
C LYS A 30 -19.33 -23.57 6.78
N VAL A 31 -18.62 -24.09 7.77
CA VAL A 31 -19.00 -23.80 9.15
C VAL A 31 -18.93 -22.29 9.42
N VAL A 32 -17.83 -21.64 9.04
CA VAL A 32 -17.61 -20.24 9.40
C VAL A 32 -18.65 -19.36 8.74
N GLU A 33 -18.92 -19.61 7.47
CA GLU A 33 -19.99 -18.89 6.78
C GLU A 33 -21.32 -19.04 7.52
N ARG A 34 -21.59 -20.24 8.02
CA ARG A 34 -22.87 -20.44 8.70
C ARG A 34 -22.87 -19.75 10.05
N LEU A 35 -21.75 -19.75 10.76
CA LEU A 35 -21.69 -19.06 12.05
C LEU A 35 -21.77 -17.56 11.86
N LEU A 36 -21.07 -17.03 10.84
CA LEU A 36 -21.13 -15.59 10.59
C LEU A 36 -22.55 -15.15 10.27
N ARG A 37 -23.25 -15.91 9.42
CA ARG A 37 -24.61 -15.55 9.03
C ARG A 37 -25.54 -15.53 10.23
N ARG A 38 -25.44 -16.53 11.12
CA ARG A 38 -26.30 -16.54 12.30
C ARG A 38 -26.04 -15.33 13.20
N MET A 39 -24.83 -14.75 13.18
CA MET A 39 -24.56 -13.54 13.95
C MET A 39 -25.25 -12.29 13.38
N GLN A 40 -25.71 -12.33 12.14
CA GLN A 40 -26.43 -11.20 11.58
C GLN A 40 -27.92 -11.31 11.81
N LYS A 41 -28.38 -12.48 12.24
CA LYS A 41 -29.80 -12.79 12.33
C LYS A 41 -30.46 -12.06 13.50
N ARG A 42 -31.80 -12.06 13.50
CA ARG A 42 -32.67 -11.55 14.57
C ARG A 42 -32.13 -10.31 15.28
N GLU A 43 -32.48 -10.21 16.56
CA GLU A 43 -31.94 -9.21 17.46
C GLU A 43 -30.68 -9.75 18.14
N SER A 44 -29.70 -10.05 17.29
CA SER A 44 -28.41 -10.50 17.76
C SER A 44 -27.58 -9.30 18.17
N GLU A 45 -26.94 -9.36 19.33
CA GLU A 45 -26.06 -8.27 19.74
C GLU A 45 -24.86 -8.15 18.82
N PHE A 46 -24.53 -9.21 18.11
CA PHE A 46 -23.36 -9.23 17.27
C PHE A 46 -23.67 -8.93 15.82
N LYS A 47 -24.91 -8.55 15.49
CA LYS A 47 -25.20 -8.12 14.13
C LYS A 47 -24.18 -7.07 13.74
N GLY A 48 -23.63 -7.19 12.53
CA GLY A 48 -22.59 -6.31 12.04
C GLY A 48 -21.17 -6.85 12.15
N VAL A 49 -20.93 -7.81 13.04
CA VAL A 49 -19.67 -8.53 13.13
C VAL A 49 -19.22 -8.89 11.72
N GLU A 50 -17.91 -8.83 11.46
CA GLU A 50 -17.33 -9.08 10.14
C GLU A 50 -16.15 -10.04 10.26
N GLN A 51 -15.89 -10.78 9.19
CA GLN A 51 -14.91 -11.85 9.26
C GLN A 51 -13.53 -11.38 8.83
N LEU A 52 -12.52 -11.77 9.60
CA LEU A 52 -11.12 -11.52 9.25
C LEU A 52 -10.32 -12.79 9.51
N ASN A 53 -9.76 -13.39 8.46
CA ASN A 53 -8.93 -14.58 8.60
C ASN A 53 -7.52 -14.18 8.99
N THR A 54 -6.99 -14.82 10.03
CA THR A 54 -5.68 -14.49 10.62
C THR A 54 -4.85 -15.75 10.83
N GLY A 55 -3.61 -15.57 11.29
CA GLY A 55 -2.86 -16.72 11.72
C GLY A 55 -2.10 -17.41 10.59
N SER A 56 -1.46 -18.52 10.96
CA SER A 56 -0.36 -18.99 10.15
C SER A 56 -0.83 -19.60 8.84
N TYR A 57 -2.07 -20.13 8.80
CA TYR A 57 -2.56 -20.72 7.55
C TYR A 57 -2.81 -19.67 6.48
N TYR A 58 -3.25 -18.48 6.88
CA TYR A 58 -3.47 -17.36 5.96
C TYR A 58 -2.21 -16.54 5.74
N GLU A 59 -1.23 -16.66 6.63
CA GLU A 59 0.11 -16.16 6.39
C GLU A 59 0.95 -17.12 5.55
N HIS A 60 0.47 -18.35 5.30
CA HIS A 60 1.23 -19.36 4.56
C HIS A 60 2.48 -19.82 5.33
N VAL A 61 2.36 -19.98 6.65
CA VAL A 61 3.42 -20.59 7.45
C VAL A 61 2.83 -21.70 8.33
N LYS A 62 1.65 -22.20 7.96
CA LYS A 62 1.11 -23.39 8.60
C LYS A 62 1.92 -24.58 8.14
N ILE A 63 2.34 -25.41 9.09
CA ILE A 63 3.23 -26.54 8.77
C ILE A 63 2.52 -27.88 9.00
N SER A 64 3.04 -28.90 8.30
CA SER A 64 2.69 -30.30 8.51
C SER A 64 1.34 -30.68 7.93
N ALA A 65 0.27 -30.08 8.42
CA ALA A 65 -1.06 -30.38 7.94
C ALA A 65 -1.93 -29.16 8.12
N PRO A 66 -2.92 -28.96 7.27
CA PRO A 66 -3.84 -27.83 7.43
C PRO A 66 -4.97 -28.13 8.41
N ASN A 67 -4.60 -28.33 9.66
CA ASN A 67 -5.53 -28.81 10.67
C ASN A 67 -5.84 -27.77 11.77
N GLU A 68 -5.47 -26.50 11.57
CA GLU A 68 -5.76 -25.48 12.58
C GLU A 68 -5.94 -24.14 11.89
N PHE A 69 -7.17 -23.61 11.91
CA PHE A 69 -7.55 -22.36 11.27
C PHE A 69 -7.94 -21.32 12.31
N ASP A 70 -7.56 -20.05 12.08
CA ASP A 70 -7.87 -18.98 13.03
C ASP A 70 -8.64 -17.88 12.34
N VAL A 71 -9.77 -17.46 12.93
CA VAL A 71 -10.68 -16.53 12.27
C VAL A 71 -11.18 -15.54 13.31
N MET A 72 -11.27 -14.28 12.90
CA MET A 72 -11.63 -13.20 13.82
C MET A 72 -13.03 -12.70 13.45
N PHE A 73 -13.92 -12.69 14.42
CA PHE A 73 -15.25 -12.10 14.24
C PHE A 73 -15.20 -10.76 14.95
N LYS A 74 -14.93 -9.70 14.19
CA LYS A 74 -14.67 -8.38 14.73
C LYS A 74 -15.89 -7.46 14.58
N LEU A 75 -16.18 -6.69 15.62
CA LEU A 75 -17.36 -5.84 15.68
C LEU A 75 -16.91 -4.40 15.91
N GLU A 76 -17.17 -3.53 14.94
CA GLU A 76 -16.81 -2.13 15.09
C GLU A 76 -17.57 -1.51 16.27
N VAL A 77 -16.83 -0.82 17.14
CA VAL A 77 -17.37 -0.23 18.36
C VAL A 77 -16.94 1.24 18.44
N PRO A 78 -17.73 2.17 17.93
CA PRO A 78 -17.33 3.59 17.94
C PRO A 78 -17.48 4.18 19.33
N ARG A 79 -17.11 5.46 19.46
CA ARG A 79 -17.28 6.23 20.70
C ARG A 79 -16.81 5.42 21.92
N ILE A 80 -15.52 5.15 21.95
CA ILE A 80 -14.94 4.19 22.88
C ILE A 80 -13.79 4.85 23.63
N GLU A 81 -13.67 4.53 24.90
CA GLU A 81 -12.66 5.15 25.77
C GLU A 81 -11.93 4.05 26.51
N LEU A 82 -10.59 4.12 26.51
CA LEU A 82 -9.73 3.06 27.04
C LEU A 82 -9.06 3.50 28.33
N GLN A 83 -8.98 2.61 29.31
CA GLN A 83 -8.15 2.82 30.48
C GLN A 83 -7.15 1.68 30.52
N GLU A 84 -5.88 2.00 30.30
CA GLU A 84 -4.85 0.98 30.38
C GLU A 84 -4.89 0.35 31.75
N TYR A 85 -4.69 -0.96 31.77
CA TYR A 85 -4.80 -1.71 33.00
C TYR A 85 -3.43 -1.74 33.64
N TYR A 86 -3.22 -0.84 34.60
CA TYR A 86 -2.09 -0.97 35.50
C TYR A 86 -0.76 -0.95 34.76
N GLU A 87 -0.63 -0.06 33.78
CA GLU A 87 0.65 0.12 33.10
C GLU A 87 1.17 -1.13 32.39
N THR A 88 0.35 -2.11 32.04
CA THR A 88 0.91 -3.27 31.38
C THR A 88 1.12 -3.08 29.88
N GLY A 89 0.61 -2.00 29.30
CA GLY A 89 0.77 -1.79 27.88
C GLY A 89 -0.19 -2.59 27.00
N ALA A 90 -0.53 -3.83 27.37
CA ALA A 90 -1.31 -4.67 26.48
C ALA A 90 -2.76 -4.86 26.90
N PHE A 91 -3.12 -4.57 28.16
CA PHE A 91 -4.44 -4.91 28.69
C PHE A 91 -5.21 -3.64 29.05
N TYR A 92 -6.52 -3.64 28.78
CA TYR A 92 -7.32 -2.42 28.87
C TYR A 92 -8.72 -2.71 29.38
N LEU A 93 -9.27 -1.72 30.09
CA LEU A 93 -10.71 -1.56 30.32
C LEU A 93 -11.33 -0.74 29.19
N VAL A 94 -12.52 -1.14 28.75
CA VAL A 94 -13.26 -0.46 27.69
C VAL A 94 -14.49 0.19 28.29
N LYS A 95 -14.62 1.51 28.11
CA LYS A 95 -15.75 2.29 28.62
C LYS A 95 -16.44 2.99 27.47
N PHE A 96 -17.75 3.17 27.62
CA PHE A 96 -18.56 3.93 26.69
C PHE A 96 -18.95 5.28 27.29
N LYS A 97 -19.16 6.27 26.43
CA LYS A 97 -19.53 7.62 26.85
C LYS A 97 -20.99 7.94 26.58
N ARG A 98 -21.79 6.98 26.10
CA ARG A 98 -23.19 7.22 25.76
C ARG A 98 -24.03 6.03 26.19
N ILE A 99 -25.32 6.28 26.38
CA ILE A 99 -26.26 5.22 26.74
C ILE A 99 -27.56 5.39 25.94
N ASN A 103 -28.08 0.92 22.38
CA ASN A 103 -26.86 0.18 22.14
C ASN A 103 -27.01 -1.31 22.41
N PRO A 104 -26.94 -2.13 21.36
CA PRO A 104 -27.04 -3.59 21.55
C PRO A 104 -26.02 -4.14 22.51
N LEU A 105 -24.97 -3.40 22.84
CA LEU A 105 -23.97 -3.87 23.79
C LEU A 105 -24.37 -3.55 25.22
N SER A 106 -25.47 -2.84 25.42
CA SER A 106 -25.86 -2.42 26.76
C SER A 106 -26.08 -3.62 27.68
N HIS A 107 -26.53 -4.76 27.16
CA HIS A 107 -26.75 -5.89 28.05
C HIS A 107 -25.46 -6.43 28.64
N PHE A 108 -24.31 -5.99 28.12
CA PHE A 108 -22.99 -6.36 28.63
C PHE A 108 -22.34 -5.25 29.44
N LEU A 109 -22.93 -4.08 29.49
CA LEU A 109 -22.35 -2.99 30.27
C LEU A 109 -22.52 -3.24 31.76
N GLU A 110 -21.61 -2.64 32.53
CA GLU A 110 -21.70 -2.60 33.99
C GLU A 110 -21.49 -1.14 34.37
N GLY A 111 -22.49 -0.33 34.03
CA GLY A 111 -22.38 1.11 34.14
C GLY A 111 -21.09 1.59 33.51
N GLU A 112 -21.09 1.78 32.19
CA GLU A 112 -19.97 2.43 31.51
C GLU A 112 -18.87 1.45 31.10
N VAL A 113 -18.65 0.36 31.85
CA VAL A 113 -17.54 -0.55 31.60
C VAL A 113 -18.05 -1.80 30.91
N LEU A 114 -17.45 -2.12 29.77
CA LEU A 114 -17.91 -3.21 28.91
C LEU A 114 -17.30 -4.52 29.39
N SER A 115 -18.16 -5.44 29.88
CA SER A 115 -17.72 -6.70 30.45
C SER A 115 -17.28 -7.66 29.35
N ALA A 116 -16.02 -8.10 29.41
CA ALA A 116 -15.50 -9.01 28.40
C ALA A 116 -16.08 -10.41 28.55
N THR A 117 -16.15 -10.94 29.77
CA THR A 117 -16.62 -12.32 29.90
C THR A 117 -18.10 -12.43 29.63
N LYS A 118 -18.89 -11.43 30.04
CA LYS A 118 -20.32 -11.44 29.68
C LYS A 118 -20.51 -11.53 28.17
N MET A 119 -19.79 -10.67 27.43
CA MET A 119 -19.90 -10.67 25.97
C MET A 119 -19.49 -12.01 25.37
N LEU A 120 -18.34 -12.52 25.81
CA LEU A 120 -17.80 -13.77 25.29
C LEU A 120 -18.72 -14.93 25.62
N SER A 121 -19.31 -14.90 26.81
CA SER A 121 -20.30 -15.90 27.17
C SER A 121 -21.49 -15.90 26.21
N LYS A 122 -22.07 -14.73 25.91
CA LYS A 122 -23.22 -14.69 25.03
C LYS A 122 -22.85 -15.17 23.63
N PHE A 123 -21.74 -14.64 23.09
CA PHE A 123 -21.13 -15.13 21.85
C PHE A 123 -21.04 -16.65 21.83
N ARG A 124 -20.48 -17.21 22.89
CA ARG A 124 -20.28 -18.66 22.96
C ARG A 124 -21.60 -19.42 22.93
N LYS A 125 -22.60 -18.93 23.67
CA LYS A 125 -23.86 -19.67 23.67
C LYS A 125 -24.44 -19.72 22.27
N ILE A 126 -24.25 -18.67 21.45
CA ILE A 126 -24.81 -18.64 20.11
C ILE A 126 -24.10 -19.63 19.20
N ILE A 127 -22.76 -19.60 19.20
CA ILE A 127 -22.02 -20.59 18.43
C ILE A 127 -22.43 -22.00 18.82
N LYS A 128 -22.56 -22.26 20.12
CA LYS A 128 -22.99 -23.59 20.55
C LYS A 128 -24.33 -23.95 19.95
N GLU A 129 -25.27 -23.01 19.97
CA GLU A 129 -26.61 -23.31 19.48
C GLU A 129 -26.62 -23.50 17.98
N GLU A 130 -25.78 -22.78 17.25
CA GLU A 130 -25.79 -22.96 15.81
C GLU A 130 -25.07 -24.22 15.41
N VAL A 131 -24.03 -24.61 16.14
CA VAL A 131 -23.33 -25.87 15.87
C VAL A 131 -24.25 -27.07 16.07
N LYS A 132 -25.21 -26.97 17.00
CA LYS A 132 -26.16 -28.05 17.19
C LYS A 132 -26.97 -28.32 15.94
N GLU A 133 -27.28 -27.27 15.18
CA GLU A 133 -28.10 -27.43 13.98
C GLU A 133 -27.31 -27.93 12.77
N ILE A 134 -25.99 -27.99 12.85
CA ILE A 134 -25.19 -28.50 11.76
C ILE A 134 -25.23 -30.03 11.79
N LYS A 135 -25.98 -30.63 10.87
CA LYS A 135 -26.03 -32.07 10.67
C LYS A 135 -25.20 -32.51 9.48
N ASP A 136 -24.49 -31.57 8.84
CA ASP A 136 -23.70 -31.82 7.64
C ASP A 136 -22.31 -32.37 7.95
N ILE A 137 -21.72 -31.98 9.08
CA ILE A 137 -20.35 -32.39 9.38
C ILE A 137 -20.21 -32.61 10.88
N ASP A 138 -19.30 -33.49 11.24
CA ASP A 138 -18.99 -33.85 12.62
C ASP A 138 -18.23 -32.68 13.23
N VAL A 139 -18.91 -31.85 14.02
CA VAL A 139 -18.27 -30.66 14.58
C VAL A 139 -18.85 -30.29 15.94
N SER A 140 -17.98 -30.20 16.95
CA SER A 140 -18.40 -29.83 18.31
C SER A 140 -17.60 -28.64 18.80
N VAL A 141 -18.14 -27.98 19.83
CA VAL A 141 -17.50 -26.83 20.46
C VAL A 141 -16.64 -27.32 21.61
N GLU A 142 -15.34 -27.05 21.55
CA GLU A 142 -14.43 -27.51 22.58
C GLU A 142 -14.70 -26.81 23.90
N LYS A 143 -14.48 -27.53 24.99
CA LYS A 143 -14.61 -26.98 26.33
C LYS A 143 -13.72 -25.73 26.51
N GLU A 144 -14.30 -24.66 27.03
CA GLU A 144 -13.54 -23.41 27.17
C GLU A 144 -12.26 -23.64 27.94
N LYS A 145 -11.13 -23.03 27.42
CA LYS A 145 -9.76 -23.00 27.92
C LYS A 145 -9.50 -21.66 28.60
N PRO A 146 -9.02 -21.63 29.84
CA PRO A 146 -8.68 -20.33 30.46
C PRO A 146 -7.54 -19.61 29.74
N GLY A 147 -7.63 -18.28 29.74
CA GLY A 147 -6.68 -17.46 29.03
C GLY A 147 -6.96 -17.34 27.55
N SER A 148 -7.92 -18.08 27.02
CA SER A 148 -8.19 -18.00 25.62
C SER A 148 -9.48 -17.25 25.35
N PRO A 149 -9.44 -16.21 24.51
CA PRO A 149 -10.67 -15.60 24.02
C PRO A 149 -11.41 -16.40 22.95
N ALA A 150 -10.89 -17.55 22.52
CA ALA A 150 -11.48 -18.19 21.34
C ALA A 150 -12.67 -19.06 21.72
N VAL A 151 -13.53 -19.28 20.75
CA VAL A 151 -14.46 -20.40 20.80
C VAL A 151 -13.97 -21.40 19.77
N THR A 152 -13.45 -22.54 20.24
CA THR A 152 -12.77 -23.48 19.37
C THR A 152 -13.70 -24.57 18.89
N LEU A 153 -13.75 -24.74 17.58
CA LEU A 153 -14.47 -25.84 16.96
C LEU A 153 -13.51 -26.98 16.66
N LEU A 154 -13.90 -28.20 17.04
CA LEU A 154 -13.21 -29.42 16.63
C LEU A 154 -14.04 -30.10 15.54
N ILE A 155 -13.47 -30.18 14.34
CA ILE A 155 -14.18 -30.79 13.19
C ILE A 155 -13.52 -32.14 12.91
N ARG A 156 -14.32 -33.15 12.56
CA ARG A 156 -13.74 -34.50 12.38
C ARG A 156 -13.85 -34.94 10.92
N ASN A 157 -13.92 -34.01 9.97
CA ASN A 157 -13.84 -34.41 8.54
C ASN A 157 -12.82 -35.53 8.57
N PRO A 158 -13.16 -36.82 8.60
CA PRO A 158 -12.21 -37.86 8.88
C PRO A 158 -11.11 -37.17 9.71
N GLU A 159 -10.06 -36.64 9.07
CA GLU A 159 -8.99 -35.91 9.77
C GLU A 159 -9.52 -34.91 10.79
N GLU A 160 -8.72 -34.59 11.80
CA GLU A 160 -9.14 -33.64 12.87
C GLU A 160 -8.73 -32.22 12.48
N ILE A 161 -9.58 -31.22 12.78
CA ILE A 161 -9.32 -29.85 12.39
C ILE A 161 -9.85 -28.94 13.48
N SER A 162 -9.01 -28.02 13.96
CA SER A 162 -9.40 -27.00 14.92
C SER A 162 -9.70 -25.70 14.21
N VAL A 163 -10.71 -24.97 14.69
CA VAL A 163 -10.94 -23.59 14.25
C VAL A 163 -11.15 -22.71 15.48
N ASP A 164 -10.26 -21.75 15.69
CA ASP A 164 -10.41 -20.78 16.76
C ASP A 164 -11.23 -19.60 16.22
N ILE A 165 -12.45 -19.42 16.74
CA ILE A 165 -13.24 -18.24 16.44
C ILE A 165 -12.95 -17.21 17.52
N ILE A 166 -12.24 -16.15 17.15
CA ILE A 166 -11.81 -15.14 18.10
C ILE A 166 -12.78 -13.97 18.05
N LEU A 167 -13.23 -13.52 19.21
CA LEU A 167 -14.14 -12.38 19.27
C LEU A 167 -13.34 -11.11 19.47
N ALA A 168 -13.66 -10.06 18.71
CA ALA A 168 -12.83 -8.86 18.83
C ALA A 168 -13.64 -7.58 18.73
N LEU A 169 -13.27 -6.57 19.53
CA LEU A 169 -13.70 -5.21 19.26
C LEU A 169 -12.82 -4.57 18.20
N GLU A 170 -13.44 -3.82 17.28
CA GLU A 170 -12.69 -3.07 16.27
C GLU A 170 -12.82 -1.59 16.57
N SER A 171 -11.68 -0.93 16.81
CA SER A 171 -11.62 0.51 16.98
C SER A 171 -10.83 1.14 15.84
N LYS A 172 -11.32 2.26 15.34
CA LYS A 172 -10.72 2.94 14.22
C LYS A 172 -9.91 4.15 14.64
N GLY A 173 -9.82 4.40 15.93
CA GLY A 173 -9.04 5.53 16.39
C GLY A 173 -7.56 5.26 16.25
N SER A 174 -6.76 6.26 16.54
CA SER A 174 -5.34 6.03 16.53
C SER A 174 -4.96 5.03 17.63
N TRP A 175 -3.86 4.33 17.42
CA TRP A 175 -3.49 3.22 18.30
C TRP A 175 -3.12 3.74 19.69
N PRO A 176 -3.23 2.90 20.72
CA PRO A 176 -3.00 3.40 22.08
C PRO A 176 -1.53 3.68 22.32
N ILE A 177 -1.26 4.74 23.07
CA ILE A 177 0.10 5.30 23.12
C ILE A 177 1.15 4.26 23.48
N SER A 178 0.77 3.21 24.21
CA SER A 178 1.74 2.17 24.52
C SER A 178 2.32 1.53 23.28
N THR A 179 1.81 1.82 22.09
CA THR A 179 2.40 1.31 20.87
C THR A 179 3.19 2.37 20.11
N LYS A 180 3.31 3.58 20.64
CA LYS A 180 3.98 4.61 19.85
C LYS A 180 5.34 4.14 19.38
N GLU A 181 6.11 3.50 20.25
CA GLU A 181 7.46 3.09 19.91
C GLU A 181 7.53 1.66 19.41
N GLY A 182 6.36 1.04 19.12
CA GLY A 182 6.31 -0.32 18.62
C GLY A 182 6.37 -0.37 17.12
N LEU A 183 6.46 -1.58 16.58
CA LEU A 183 6.43 -1.75 15.13
C LEU A 183 7.60 -0.98 14.50
N PRO A 184 8.84 -1.29 14.88
CA PRO A 184 10.03 -0.50 14.49
C PRO A 184 10.57 -0.87 13.11
N ILE A 185 9.71 -0.73 12.10
CA ILE A 185 9.94 -1.21 10.74
C ILE A 185 10.52 -0.12 9.82
N GLN A 186 10.96 1.01 10.39
CA GLN A 186 11.35 2.16 9.57
C GLN A 186 12.50 1.85 8.64
N GLY A 187 13.46 1.01 9.08
CA GLY A 187 14.62 0.71 8.28
C GLY A 187 14.45 -0.52 7.44
N TRP A 188 13.29 -1.18 7.55
CA TRP A 188 13.00 -2.44 6.88
C TRP A 188 11.83 -2.32 5.90
N LEU A 189 10.62 -2.01 6.34
CA LEU A 189 9.57 -1.72 5.36
C LEU A 189 9.33 -0.22 5.19
N GLY A 190 9.83 0.62 6.10
CA GLY A 190 9.90 2.06 5.87
C GLY A 190 8.77 2.84 6.53
N THR A 191 8.87 4.17 6.36
CA THR A 191 7.95 5.03 7.09
C THR A 191 6.54 5.08 6.47
N LYS A 192 6.41 5.13 5.14
CA LYS A 192 5.08 5.11 4.53
C LYS A 192 4.32 3.84 4.92
N VAL A 193 4.98 2.68 4.86
CA VAL A 193 4.31 1.44 5.27
C VAL A 193 3.84 1.56 6.71
N ARG A 194 4.70 2.06 7.59
CA ARG A 194 4.35 2.18 9.01
C ARG A 194 3.18 3.13 9.22
N THR A 195 3.26 4.34 8.66
CA THR A 195 2.14 5.26 8.74
C THR A 195 0.83 4.62 8.23
N ASN A 196 0.88 3.95 7.07
CA ASN A 196 -0.34 3.31 6.60
C ASN A 196 -0.81 2.23 7.56
N LEU A 197 0.09 1.35 8.00
CA LEU A 197 -0.37 0.31 8.91
C LEU A 197 -1.04 0.92 10.14
N ARG A 198 -0.53 2.03 10.65
CA ARG A 198 -1.09 2.57 11.89
C ARG A 198 -2.40 3.35 11.66
N ARG A 199 -2.75 3.64 10.40
CA ARG A 199 -4.08 4.15 10.10
C ARG A 199 -5.13 3.07 10.07
N GLU A 200 -4.74 1.82 9.96
CA GLU A 200 -5.68 0.73 10.00
C GLU A 200 -6.22 0.58 11.42
N PRO A 201 -7.36 -0.08 11.58
CA PRO A 201 -7.95 -0.24 12.92
C PRO A 201 -7.02 -1.00 13.85
N PHE A 202 -7.34 -0.96 15.14
CA PHE A 202 -6.74 -1.89 16.07
C PHE A 202 -7.84 -2.69 16.77
N TYR A 203 -7.46 -3.82 17.38
CA TYR A 203 -8.45 -4.78 17.85
C TYR A 203 -8.21 -5.12 19.31
N LEU A 204 -9.31 -5.42 20.01
CA LEU A 204 -9.29 -5.78 21.41
C LEU A 204 -10.04 -7.09 21.57
N VAL A 205 -9.40 -8.03 22.25
CA VAL A 205 -10.00 -9.34 22.48
C VAL A 205 -10.06 -9.57 23.98
N PRO A 206 -10.95 -10.45 24.43
CA PRO A 206 -11.05 -10.71 25.88
C PRO A 206 -9.79 -11.42 26.41
N LYS A 207 -9.29 -10.91 27.54
CA LYS A 207 -8.16 -11.57 28.21
C LYS A 207 -8.58 -12.90 28.81
N ASN A 208 -9.74 -12.92 29.51
CA ASN A 208 -10.45 -14.14 29.90
C ASN A 208 -9.65 -15.04 30.83
N ALA A 209 -8.71 -14.51 31.61
CA ALA A 209 -8.08 -15.35 32.61
C ALA A 209 -9.02 -15.53 33.81
N LYS A 210 -8.78 -16.58 34.59
CA LYS A 210 -9.56 -16.75 35.82
C LYS A 210 -8.64 -16.75 37.04
N ASP A 211 -7.88 -15.67 37.21
CA ASP A 211 -6.89 -15.56 38.26
C ASP A 211 -7.41 -14.77 39.47
N GLY A 212 -8.72 -14.49 39.51
CA GLY A 212 -9.24 -13.70 40.61
C GLY A 212 -8.46 -12.42 40.85
N ASN A 213 -8.06 -11.76 39.78
CA ASN A 213 -7.49 -10.43 39.87
C ASN A 213 -8.55 -9.37 39.57
N SER A 214 -8.42 -8.24 40.24
CA SER A 214 -9.34 -7.13 40.02
C SER A 214 -9.62 -6.94 38.53
N PHE A 215 -10.89 -6.66 38.20
CA PHE A 215 -11.34 -6.44 36.83
C PHE A 215 -11.25 -7.66 35.94
N GLN A 216 -11.14 -8.85 36.54
CA GLN A 216 -10.91 -10.07 35.78
C GLN A 216 -11.81 -10.18 34.56
N GLY A 217 -13.12 -10.00 34.75
CA GLY A 217 -14.02 -10.20 33.64
C GLY A 217 -14.22 -9.01 32.74
N GLU A 218 -13.50 -7.90 32.96
CA GLU A 218 -13.63 -6.72 32.14
C GLU A 218 -12.32 -6.26 31.53
N THR A 219 -11.36 -7.16 31.35
CA THR A 219 -10.03 -6.82 30.83
C THR A 219 -9.92 -7.30 29.39
N TRP A 220 -9.43 -6.43 28.52
CA TRP A 220 -9.25 -6.78 27.12
C TRP A 220 -7.78 -6.68 26.76
N ARG A 221 -7.42 -7.36 25.67
CA ARG A 221 -6.04 -7.51 25.22
C ARG A 221 -5.90 -7.00 23.79
N LEU A 222 -4.86 -6.20 23.53
CA LEU A 222 -4.64 -5.70 22.18
C LEU A 222 -4.26 -6.84 21.25
N SER A 223 -4.81 -6.84 20.03
CA SER A 223 -4.40 -7.79 19.01
C SER A 223 -4.10 -7.08 17.69
N PHE A 224 -2.98 -7.47 17.07
CA PHE A 224 -2.57 -6.91 15.79
C PHE A 224 -2.48 -7.96 14.70
N SER A 225 -3.24 -9.05 14.82
CA SER A 225 -3.18 -10.13 13.83
C SER A 225 -3.30 -9.63 12.41
N HIS A 226 -4.10 -8.58 12.18
CA HIS A 226 -4.26 -8.13 10.79
C HIS A 226 -2.98 -7.49 10.29
N THR A 227 -2.28 -6.78 11.17
CA THR A 227 -1.00 -6.18 10.81
C THR A 227 0.05 -7.26 10.64
N GLU A 228 0.05 -8.28 11.50
CA GLU A 228 0.97 -9.38 11.32
C GLU A 228 0.72 -10.12 10.00
N LYS A 229 -0.54 -10.20 9.56
CA LYS A 229 -0.83 -10.82 8.28
C LYS A 229 -0.20 -10.02 7.15
N TYR A 230 -0.34 -8.69 7.20
CA TYR A 230 0.24 -7.87 6.15
C TYR A 230 1.75 -8.03 6.12
N ILE A 231 2.40 -8.06 7.29
CA ILE A 231 3.86 -8.10 7.34
C ILE A 231 4.35 -9.40 6.75
N LEU A 232 3.73 -10.51 7.16
CA LEU A 232 4.16 -11.82 6.65
C LEU A 232 3.98 -11.93 5.15
N ASN A 233 3.01 -11.27 4.57
CA ASN A 233 2.87 -11.35 3.12
C ASN A 233 3.42 -10.13 2.40
N ASN A 234 4.17 -9.27 3.08
CA ASN A 234 4.87 -8.16 2.44
C ASN A 234 6.18 -7.93 3.20
N HIS A 235 7.08 -8.90 3.18
CA HIS A 235 8.09 -9.03 4.23
C HIS A 235 9.48 -8.56 3.84
N GLY A 236 9.70 -8.16 2.60
CA GLY A 236 11.01 -7.76 2.13
C GLY A 236 11.22 -6.26 2.02
N ILE A 237 12.46 -5.85 2.22
CA ILE A 237 12.82 -4.48 1.92
C ILE A 237 12.58 -4.19 0.45
N GLU A 238 12.83 -5.16 -0.43
CA GLU A 238 12.52 -4.96 -1.84
C GLU A 238 11.07 -5.33 -2.12
N LYS A 239 10.43 -4.57 -3.02
CA LYS A 239 9.00 -4.77 -3.25
C LYS A 239 8.72 -6.10 -3.95
N THR A 240 9.68 -6.58 -4.77
CA THR A 240 9.49 -7.81 -5.51
C THR A 240 9.90 -9.05 -4.72
N CYS A 241 10.26 -8.90 -3.45
CA CYS A 241 10.70 -10.07 -2.70
C CYS A 241 9.67 -11.20 -2.76
N CYS A 242 10.12 -12.40 -3.18
CA CYS A 242 9.29 -13.60 -3.35
C CYS A 242 8.21 -13.45 -4.42
N GLU A 243 8.30 -12.44 -5.29
CA GLU A 243 7.32 -12.24 -6.35
C GLU A 243 7.83 -12.89 -7.63
N SER A 244 6.92 -13.08 -8.60
CA SER A 244 7.26 -13.85 -9.79
C SER A 244 8.27 -13.16 -10.71
N SER A 245 8.59 -11.89 -10.49
CA SER A 245 9.68 -11.26 -11.23
C SER A 245 10.77 -10.74 -10.29
N GLY A 246 10.82 -11.27 -9.08
CA GLY A 246 11.82 -10.90 -8.12
C GLY A 246 12.57 -12.12 -7.60
N ALA A 247 13.22 -11.96 -6.46
CA ALA A 247 14.10 -12.99 -5.95
C ALA A 247 13.47 -13.58 -4.70
N LYS A 248 13.58 -14.90 -4.59
CA LYS A 248 13.06 -15.61 -3.45
C LYS A 248 13.95 -15.37 -2.23
N CYS A 249 13.34 -15.31 -1.04
CA CYS A 249 14.04 -15.18 0.23
C CYS A 249 13.64 -16.37 1.10
N CYS A 250 14.32 -16.55 2.23
CA CYS A 250 14.04 -17.67 3.12
C CYS A 250 13.49 -17.20 4.45
N ARG A 251 12.79 -16.06 4.48
CA ARG A 251 12.26 -15.55 5.74
C ARG A 251 11.17 -16.48 6.28
N LYS A 252 10.16 -16.80 5.47
CA LYS A 252 9.10 -17.70 5.95
C LYS A 252 9.62 -19.11 6.20
N GLU A 253 10.64 -19.55 5.44
CA GLU A 253 11.15 -20.90 5.68
C GLU A 253 11.83 -20.99 7.03
N CYS A 254 12.47 -19.90 7.50
CA CYS A 254 13.02 -19.91 8.86
C CYS A 254 11.91 -19.97 9.88
N LEU A 255 10.87 -19.14 9.70
CA LEU A 255 9.75 -19.21 10.60
C LEU A 255 9.23 -20.64 10.70
N LYS A 256 9.04 -21.30 9.54
CA LYS A 256 8.47 -22.65 9.55
C LYS A 256 9.37 -23.61 10.32
N LEU A 257 10.69 -23.50 10.15
CA LEU A 257 11.58 -24.42 10.85
C LEU A 257 11.57 -24.15 12.34
N MET A 258 11.52 -22.88 12.73
CA MET A 258 11.47 -22.55 14.15
C MET A 258 10.18 -23.04 14.77
N LYS A 259 9.04 -22.81 14.09
CA LYS A 259 7.75 -23.26 14.61
C LYS A 259 7.74 -24.75 14.85
N TYR A 260 8.32 -25.51 13.90
CA TYR A 260 8.40 -26.98 13.96
C TYR A 260 9.26 -27.45 15.12
N LEU A 261 10.42 -26.84 15.30
CA LEU A 261 11.27 -27.23 16.43
C LEU A 261 10.49 -27.04 17.72
N LEU A 262 9.83 -25.89 17.88
CA LEU A 262 9.05 -25.68 19.09
C LEU A 262 7.89 -26.67 19.18
N GLU A 263 7.17 -26.89 18.05
CA GLU A 263 6.03 -27.82 18.03
C GLU A 263 6.44 -29.22 18.45
N GLN A 264 7.51 -29.74 17.85
CA GLN A 264 7.97 -31.08 18.18
C GLN A 264 8.31 -31.19 19.66
N LEU A 265 9.07 -30.23 20.20
CA LEU A 265 9.47 -30.34 21.60
C LEU A 265 8.25 -30.24 22.50
N LYS A 266 7.37 -29.28 22.20
CA LYS A 266 6.15 -29.13 22.99
C LYS A 266 5.33 -30.41 22.99
N LYS A 267 5.48 -31.22 21.94
CA LYS A 267 4.72 -32.47 21.84
C LYS A 267 5.24 -33.53 22.81
N GLU A 268 6.52 -33.45 23.20
CA GLU A 268 7.14 -34.45 24.06
C GLU A 268 7.24 -34.01 25.52
N PHE A 269 7.43 -32.72 25.79
CA PHE A 269 7.89 -32.28 27.10
C PHE A 269 6.87 -31.32 27.69
N GLN A 270 6.26 -31.73 28.80
CA GLN A 270 5.23 -30.89 29.40
C GLN A 270 5.81 -29.60 29.97
N GLU A 271 7.09 -29.62 30.34
CA GLU A 271 7.80 -28.43 30.81
C GLU A 271 7.60 -27.22 29.90
N LEU A 272 7.16 -27.43 28.66
CA LEU A 272 7.10 -26.36 27.69
C LEU A 272 5.69 -25.82 27.48
N ASP A 273 4.73 -26.16 28.34
CA ASP A 273 3.37 -25.65 28.14
C ASP A 273 3.31 -24.12 28.09
N ALA A 274 4.18 -23.43 28.82
CA ALA A 274 4.18 -21.97 28.83
C ALA A 274 4.57 -21.36 27.48
N PHE A 275 5.08 -22.14 26.53
CA PHE A 275 5.60 -21.59 25.29
C PHE A 275 4.60 -21.81 24.16
N CYS A 276 4.71 -20.98 23.13
CA CYS A 276 3.75 -21.03 22.05
C CYS A 276 4.37 -20.38 20.83
N SER A 277 3.78 -20.68 19.68
CA SER A 277 4.34 -20.22 18.43
C SER A 277 4.43 -18.70 18.36
N TYR A 278 3.57 -17.99 19.10
CA TYR A 278 3.67 -16.54 19.07
C TYR A 278 5.04 -16.09 19.60
N HIS A 279 5.64 -16.88 20.48
CA HIS A 279 6.97 -16.52 20.95
C HIS A 279 7.97 -16.56 19.80
N VAL A 280 7.97 -17.64 19.01
CA VAL A 280 8.88 -17.69 17.87
C VAL A 280 8.53 -16.60 16.85
N LYS A 281 7.23 -16.34 16.64
CA LYS A 281 6.85 -15.33 15.65
C LYS A 281 7.36 -13.95 16.03
N THR A 282 7.33 -13.64 17.33
CA THR A 282 7.82 -12.35 17.79
C THR A 282 9.33 -12.26 17.60
N ALA A 283 10.05 -13.32 18.01
CA ALA A 283 11.50 -13.29 17.89
C ALA A 283 11.92 -13.03 16.44
N ILE A 284 11.23 -13.66 15.48
CA ILE A 284 11.64 -13.47 14.10
C ILE A 284 11.22 -12.08 13.58
N PHE A 285 10.15 -11.46 14.11
CA PHE A 285 9.90 -10.06 13.76
C PHE A 285 11.10 -9.20 14.12
N HIS A 286 11.69 -9.44 15.28
CA HIS A 286 12.88 -8.68 15.68
C HIS A 286 14.07 -9.04 14.81
N MET A 287 14.26 -10.33 14.53
CA MET A 287 15.33 -10.74 13.64
C MET A 287 15.18 -10.08 12.27
N TRP A 288 13.94 -9.97 11.76
CA TRP A 288 13.77 -9.32 10.46
C TRP A 288 14.08 -7.83 10.55
N THR A 289 13.81 -7.20 11.69
CA THR A 289 14.20 -5.80 11.88
C THR A 289 15.70 -5.67 12.03
N GLN A 290 16.33 -6.61 12.73
CA GLN A 290 17.78 -6.57 12.88
C GLN A 290 18.48 -6.70 11.53
N ASP A 291 17.99 -7.60 10.67
CA ASP A 291 18.57 -7.92 9.37
C ASP A 291 17.55 -7.57 8.29
N PRO A 292 17.49 -6.29 7.88
CA PRO A 292 16.44 -5.85 6.96
C PRO A 292 16.63 -6.26 5.51
N GLN A 293 17.89 -6.38 5.06
CA GLN A 293 18.18 -6.63 3.66
C GLN A 293 17.69 -8.02 3.23
N ASP A 294 17.10 -8.11 2.03
CA ASP A 294 16.71 -9.43 1.54
C ASP A 294 17.93 -10.35 1.37
N SER A 295 19.12 -9.76 1.15
CA SER A 295 20.31 -10.57 0.96
C SER A 295 20.80 -11.19 2.26
N GLN A 296 20.38 -10.68 3.41
CA GLN A 296 20.65 -11.45 4.62
C GLN A 296 19.61 -12.54 4.83
N TRP A 297 18.81 -12.84 3.81
CA TRP A 297 17.90 -13.99 3.84
C TRP A 297 17.90 -14.70 2.50
N ASP A 298 19.07 -14.79 1.86
CA ASP A 298 19.24 -15.57 0.66
C ASP A 298 18.82 -17.02 0.90
N PRO A 299 18.09 -17.65 -0.04
CA PRO A 299 17.74 -19.08 0.10
C PRO A 299 18.93 -20.01 0.23
N ARG A 300 20.07 -19.67 -0.38
CA ARG A 300 21.26 -20.50 -0.25
C ARG A 300 21.87 -20.41 1.14
N ASN A 301 21.41 -19.50 1.99
CA ASN A 301 21.91 -19.31 3.35
C ASN A 301 20.96 -19.84 4.41
N LEU A 302 20.03 -20.73 4.03
CA LEU A 302 19.00 -21.19 4.97
C LEU A 302 19.61 -21.72 6.28
N SER A 303 20.62 -22.58 6.22
CA SER A 303 21.13 -23.13 7.47
C SER A 303 21.71 -22.04 8.36
N SER A 304 22.32 -21.03 7.75
CA SER A 304 22.92 -19.99 8.55
C SER A 304 21.86 -19.03 9.09
N CYS A 305 20.88 -18.68 8.25
CA CYS A 305 19.78 -17.83 8.71
C CYS A 305 19.03 -18.48 9.86
N PHE A 306 18.70 -19.76 9.73
CA PHE A 306 18.03 -20.50 10.79
C PHE A 306 18.89 -20.50 12.06
N ASP A 307 20.21 -20.58 11.88
CA ASP A 307 21.11 -20.66 13.03
C ASP A 307 21.14 -19.35 13.82
N LYS A 308 21.20 -18.22 13.13
CA LYS A 308 21.27 -16.96 13.86
C LYS A 308 19.94 -16.70 14.58
N LEU A 309 18.83 -17.11 13.97
CA LEU A 309 17.53 -16.99 14.62
C LEU A 309 17.50 -17.81 15.91
N LEU A 310 18.11 -19.01 15.87
CA LEU A 310 18.22 -19.83 17.08
C LEU A 310 19.10 -19.17 18.13
N ALA A 311 20.29 -18.72 17.74
CA ALA A 311 21.12 -17.96 18.66
C ALA A 311 20.33 -16.81 19.30
N PHE A 312 19.62 -16.03 18.48
CA PHE A 312 18.88 -14.89 19.01
C PHE A 312 17.83 -15.34 20.01
N PHE A 313 17.12 -16.43 19.69
CA PHE A 313 16.10 -16.97 20.58
C PHE A 313 16.71 -17.45 21.90
N LEU A 314 17.91 -18.04 21.86
CA LEU A 314 18.53 -18.48 23.11
C LEU A 314 18.87 -17.30 23.99
N GLU A 315 19.34 -16.21 23.39
CA GLU A 315 19.67 -15.01 24.15
C GLU A 315 18.41 -14.44 24.85
N CYS A 316 17.30 -14.34 24.11
CA CYS A 316 16.04 -13.92 24.73
C CYS A 316 15.65 -14.83 25.89
N LEU A 317 15.79 -16.14 25.70
CA LEU A 317 15.47 -17.09 26.76
C LEU A 317 16.36 -16.87 27.97
N ARG A 318 17.67 -16.74 27.73
CA ARG A 318 18.60 -16.66 28.85
C ARG A 318 18.48 -15.33 29.58
N THR A 319 18.33 -14.24 28.84
CA THR A 319 18.18 -12.96 29.51
C THR A 319 16.73 -12.66 29.92
N GLU A 320 15.79 -13.57 29.68
CA GLU A 320 14.42 -13.38 30.14
C GLU A 320 13.80 -12.10 29.58
N LYS A 321 14.03 -11.84 28.29
CA LYS A 321 13.56 -10.62 27.64
C LYS A 321 13.20 -10.94 26.21
N LEU A 322 11.90 -10.85 25.89
CA LEU A 322 11.34 -10.94 24.54
C LEU A 322 10.20 -9.92 24.45
N ASP A 323 10.52 -8.70 23.99
CA ASP A 323 9.55 -7.61 23.96
C ASP A 323 8.51 -7.80 22.85
N HIS A 324 7.24 -7.65 23.19
CA HIS A 324 6.20 -7.63 22.17
C HIS A 324 6.55 -6.70 21.03
N TYR A 325 6.38 -7.16 19.80
CA TYR A 325 6.80 -6.35 18.66
C TYR A 325 6.01 -5.06 18.58
N PHE A 326 4.76 -5.06 19.04
CA PHE A 326 3.90 -3.88 18.96
C PHE A 326 3.87 -3.08 20.25
N ILE A 327 4.11 -3.72 21.40
CA ILE A 327 4.00 -3.06 22.69
C ILE A 327 5.35 -3.21 23.40
N PRO A 328 6.30 -2.32 23.16
CA PRO A 328 7.67 -2.55 23.64
C PRO A 328 7.79 -2.86 25.12
N LYS A 329 6.93 -2.30 25.98
CA LYS A 329 7.14 -2.47 27.41
C LYS A 329 6.51 -3.74 27.93
N PHE A 330 5.90 -4.50 27.07
CA PHE A 330 5.28 -5.77 27.42
C PHE A 330 6.26 -6.88 27.07
N ASN A 331 6.87 -7.49 28.10
CA ASN A 331 7.89 -8.53 27.96
C ASN A 331 7.25 -9.90 28.09
N LEU A 332 7.13 -10.65 26.98
CA LEU A 332 6.50 -11.96 27.02
C LEU A 332 7.33 -13.00 27.74
N PHE A 333 8.57 -12.68 28.14
CA PHE A 333 9.45 -13.62 28.80
C PHE A 333 9.75 -13.18 30.23
N SER A 334 8.96 -12.26 30.77
CA SER A 334 9.14 -11.85 32.15
C SER A 334 8.94 -13.05 33.09
N GLN A 335 9.55 -12.95 34.27
CA GLN A 335 9.28 -13.95 35.30
C GLN A 335 7.78 -14.02 35.59
N GLU A 336 7.08 -12.90 35.47
CA GLU A 336 5.64 -12.90 35.73
C GLU A 336 4.91 -13.92 34.87
N LEU A 337 5.46 -14.28 33.70
CA LEU A 337 4.75 -15.17 32.80
C LEU A 337 5.36 -16.56 32.66
N ILE A 338 6.66 -16.71 32.91
CA ILE A 338 7.31 -18.01 32.70
C ILE A 338 8.48 -18.15 33.67
N ASP A 339 8.51 -19.27 34.42
CA ASP A 339 9.62 -19.55 35.35
C ASP A 339 10.95 -19.51 34.65
N ARG A 340 12.00 -19.16 35.39
CA ARG A 340 13.33 -19.35 34.82
C ARG A 340 13.57 -20.81 34.46
N LYS A 341 13.15 -21.75 35.32
CA LYS A 341 13.38 -23.16 35.01
C LYS A 341 12.71 -23.55 33.68
N SER A 342 11.53 -23.00 33.39
CA SER A 342 10.94 -23.25 32.08
C SER A 342 11.89 -22.78 30.97
N LYS A 343 12.53 -21.63 31.16
CA LYS A 343 13.36 -21.06 30.10
C LYS A 343 14.68 -21.80 29.96
N GLU A 344 15.39 -22.03 31.07
CA GLU A 344 16.63 -22.79 31.00
C GLU A 344 16.41 -24.20 30.42
N PHE A 345 15.24 -24.80 30.71
CA PHE A 345 14.93 -26.12 30.14
C PHE A 345 14.88 -26.05 28.62
N LEU A 346 14.12 -25.08 28.08
CA LEU A 346 14.03 -24.94 26.63
C LEU A 346 15.36 -24.53 26.02
N SER A 347 16.13 -23.69 26.73
CA SER A 347 17.47 -23.34 26.29
C SER A 347 18.34 -24.58 26.07
N LYS A 348 18.27 -25.53 27.01
CA LYS A 348 19.12 -26.71 26.92
C LYS A 348 18.70 -27.56 25.74
N LYS A 349 17.40 -27.80 25.60
CA LYS A 349 16.89 -28.60 24.49
C LYS A 349 17.20 -27.95 23.15
N ILE A 350 17.14 -26.62 23.08
CA ILE A 350 17.47 -25.94 21.83
C ILE A 350 18.95 -26.08 21.53
N GLU A 351 19.80 -25.75 22.50
CA GLU A 351 21.24 -25.95 22.32
C GLU A 351 21.57 -27.39 21.95
N TYR A 352 20.86 -28.34 22.54
CA TYR A 352 21.13 -29.75 22.22
C TYR A 352 20.73 -30.07 20.78
N GLU A 353 19.52 -29.68 20.37
CA GLU A 353 19.16 -29.87 18.96
C GLU A 353 20.21 -29.25 18.06
N ARG A 354 20.63 -28.03 18.39
CA ARG A 354 21.50 -27.24 17.52
C ARG A 354 22.86 -27.91 17.33
N ASN A 355 23.39 -28.53 18.38
CA ASN A 355 24.73 -29.09 18.37
C ASN A 355 24.73 -30.59 18.14
N ASN A 356 23.70 -31.13 17.49
CA ASN A 356 23.63 -32.59 17.36
C ASN A 356 22.87 -33.02 16.11
N GLY A 357 22.73 -32.14 15.12
CA GLY A 357 22.09 -32.49 13.87
C GLY A 357 20.58 -32.37 13.84
N PHE A 358 19.98 -31.69 14.80
CA PHE A 358 18.52 -31.55 14.83
C PHE A 358 17.86 -32.92 14.71
N PRO A 359 18.16 -33.85 15.62
CA PRO A 359 17.51 -35.16 15.57
C PRO A 359 16.00 -35.11 15.75
N ILE A 360 15.45 -34.03 16.32
CA ILE A 360 14.00 -33.96 16.51
C ILE A 360 13.26 -33.71 15.21
N PHE A 361 13.98 -33.33 14.15
CA PHE A 361 13.34 -33.14 12.85
C PHE A 361 12.92 -34.49 12.24
N ASP A 362 13.64 -35.57 12.56
CA ASP A 362 13.41 -36.90 11.97
C ASP A 362 12.33 -37.69 12.68
N LYS A 363 11.61 -37.09 13.62
CA LYS A 363 10.60 -37.83 14.38
C LYS A 363 9.22 -37.84 13.68
N ASP B 5 29.68 18.26 -9.17
CA ASP B 5 29.77 19.66 -8.73
C ASP B 5 28.98 20.57 -9.68
N LYS B 6 29.17 20.33 -10.98
CA LYS B 6 28.43 21.05 -12.01
C LYS B 6 26.94 20.80 -11.90
N LEU B 7 26.51 19.55 -12.05
CA LEU B 7 25.09 19.27 -12.06
C LEU B 7 24.46 19.59 -10.72
N LYS B 8 25.19 19.41 -9.63
CA LYS B 8 24.69 19.80 -8.31
C LYS B 8 24.38 21.29 -8.29
N LYS B 9 25.23 22.12 -8.89
CA LYS B 9 25.02 23.56 -8.86
C LYS B 9 23.80 23.98 -9.67
N VAL B 10 23.52 23.29 -10.78
CA VAL B 10 22.29 23.56 -11.51
C VAL B 10 21.07 23.19 -10.67
N LEU B 11 21.18 22.12 -9.87
CA LEU B 11 20.02 21.69 -9.10
C LEU B 11 19.74 22.65 -7.94
N ASP B 12 20.79 23.24 -7.38
CA ASP B 12 20.60 24.33 -6.43
C ASP B 12 19.85 25.49 -7.06
N LYS B 13 20.16 25.79 -8.31
CA LYS B 13 19.46 26.85 -9.01
C LYS B 13 18.00 26.47 -9.24
N LEU B 14 17.76 25.22 -9.68
CA LEU B 14 16.39 24.80 -9.99
C LEU B 14 15.52 24.68 -8.75
N ARG B 15 16.09 24.74 -7.54
CA ARG B 15 15.34 24.44 -6.35
C ARG B 15 14.35 25.56 -6.03
N LEU B 16 13.08 25.18 -5.84
CA LEU B 16 12.08 26.10 -5.33
C LEU B 16 12.46 26.61 -3.94
N LYS B 17 12.12 27.86 -3.68
CA LYS B 17 12.28 28.47 -2.37
C LYS B 17 11.05 28.20 -1.53
N ARG B 18 11.28 27.98 -0.22
CA ARG B 18 10.17 27.73 0.70
C ARG B 18 9.19 28.90 0.72
N LYS B 19 9.68 30.13 0.76
CA LYS B 19 8.80 31.29 0.74
C LYS B 19 7.96 31.34 -0.54
N ASP B 20 8.61 31.22 -1.71
CA ASP B 20 7.86 31.27 -2.95
C ASP B 20 6.75 30.22 -2.97
N ILE B 21 7.03 29.02 -2.45
CA ILE B 21 6.04 27.95 -2.41
C ILE B 21 4.83 28.35 -1.58
N SER B 22 5.07 29.01 -0.43
CA SER B 22 3.95 29.38 0.44
C SER B 22 3.06 30.41 -0.21
N GLU B 23 3.66 31.46 -0.78
CA GLU B 23 2.88 32.54 -1.36
C GLU B 23 2.06 32.06 -2.54
N ALA B 24 2.63 31.16 -3.36
CA ALA B 24 1.89 30.70 -4.53
C ALA B 24 0.79 29.74 -4.12
N ALA B 25 1.06 28.90 -3.12
CA ALA B 25 0.10 27.89 -2.72
C ALA B 25 -1.16 28.51 -2.15
N GLU B 26 -1.02 29.53 -1.30
CA GLU B 26 -2.22 30.01 -0.63
C GLU B 26 -3.12 30.76 -1.59
N THR B 27 -2.55 31.37 -2.63
CA THR B 27 -3.36 32.00 -3.66
C THR B 27 -3.94 30.96 -4.63
N VAL B 28 -3.13 29.99 -5.08
CA VAL B 28 -3.68 28.92 -5.90
C VAL B 28 -4.79 28.21 -5.14
N ASN B 29 -4.57 27.93 -3.86
CA ASN B 29 -5.56 27.18 -3.09
C ASN B 29 -6.86 27.98 -2.95
N LYS B 30 -6.77 29.31 -2.80
CA LYS B 30 -7.95 30.16 -2.68
C LYS B 30 -8.82 30.06 -3.93
N VAL B 31 -8.21 30.19 -5.11
CA VAL B 31 -8.96 30.14 -6.36
C VAL B 31 -9.59 28.77 -6.56
N VAL B 32 -8.76 27.72 -6.46
CA VAL B 32 -9.25 26.36 -6.71
C VAL B 32 -10.40 26.00 -5.77
N GLU B 33 -10.29 26.33 -4.49
CA GLU B 33 -11.35 25.94 -3.56
C GLU B 33 -12.66 26.62 -3.91
N ARG B 34 -12.61 27.92 -4.25
CA ARG B 34 -13.82 28.62 -4.67
C ARG B 34 -14.38 28.01 -5.96
N LEU B 35 -13.52 27.78 -6.95
CA LEU B 35 -13.99 27.19 -8.19
C LEU B 35 -14.67 25.86 -7.94
N LEU B 36 -14.07 25.04 -7.06
CA LEU B 36 -14.65 23.75 -6.72
C LEU B 36 -16.01 23.94 -6.06
N ARG B 37 -16.16 24.97 -5.24
CA ARG B 37 -17.45 25.22 -4.60
C ARG B 37 -18.52 25.50 -5.63
N ARG B 38 -18.20 26.29 -6.65
CA ARG B 38 -19.31 26.62 -7.58
C ARG B 38 -19.84 25.32 -8.18
N MET B 39 -18.96 24.46 -8.69
CA MET B 39 -19.46 23.27 -9.42
C MET B 39 -20.25 22.35 -8.48
N GLN B 40 -20.35 22.71 -7.20
CA GLN B 40 -20.98 21.75 -6.26
C GLN B 40 -22.24 22.36 -5.62
N LYS B 41 -22.08 23.27 -4.66
CA LYS B 41 -23.25 23.83 -4.00
C LYS B 41 -24.14 24.59 -4.99
N ARG B 42 -23.70 24.70 -6.24
CA ARG B 42 -24.56 25.15 -7.32
C ARG B 42 -25.06 23.94 -8.10
N GLU B 43 -26.26 24.09 -8.68
CA GLU B 43 -26.95 22.96 -9.31
C GLU B 43 -26.50 22.83 -10.76
N SER B 44 -25.26 22.39 -10.89
CA SER B 44 -24.62 22.16 -12.17
C SER B 44 -24.69 20.68 -12.54
N GLU B 45 -24.37 20.40 -13.81
CA GLU B 45 -24.20 19.05 -14.31
C GLU B 45 -22.97 18.37 -13.72
N PHE B 46 -22.13 19.14 -13.03
CA PHE B 46 -20.89 18.67 -12.43
C PHE B 46 -20.96 18.62 -10.91
N LYS B 47 -22.16 18.46 -10.35
CA LYS B 47 -22.29 18.26 -8.91
C LYS B 47 -21.77 16.87 -8.57
N GLY B 48 -20.81 16.80 -7.63
CA GLY B 48 -20.04 15.59 -7.40
C GLY B 48 -18.61 15.68 -7.87
N VAL B 49 -18.23 16.74 -8.57
CA VAL B 49 -16.86 16.89 -9.02
C VAL B 49 -15.93 16.93 -7.81
N GLU B 50 -14.87 16.12 -7.85
CA GLU B 50 -13.89 16.07 -6.76
C GLU B 50 -12.50 16.44 -7.26
N GLN B 51 -11.72 17.05 -6.38
CA GLN B 51 -10.44 17.63 -6.75
C GLN B 51 -9.32 16.62 -6.52
N LEU B 52 -8.45 16.47 -7.52
CA LEU B 52 -7.27 15.61 -7.46
C LEU B 52 -6.11 16.40 -8.02
N ASN B 53 -5.13 16.74 -7.18
CA ASN B 53 -4.00 17.53 -7.67
C ASN B 53 -3.01 16.64 -8.42
N THR B 54 -2.44 17.14 -9.52
CA THR B 54 -1.58 16.34 -10.38
C THR B 54 -0.34 17.12 -10.86
N GLY B 55 0.60 16.39 -11.45
CA GLY B 55 1.71 17.02 -12.15
C GLY B 55 2.87 17.38 -11.25
N SER B 56 3.74 18.21 -11.80
CA SER B 56 5.10 18.24 -11.30
C SER B 56 5.18 18.92 -9.94
N TYR B 57 4.37 19.95 -9.68
CA TYR B 57 4.41 20.57 -8.36
C TYR B 57 4.05 19.58 -7.26
N TYR B 58 3.08 18.71 -7.51
CA TYR B 58 2.63 17.76 -6.50
C TYR B 58 3.41 16.47 -6.50
N GLU B 59 4.24 16.25 -7.52
CA GLU B 59 5.22 15.17 -7.53
C GLU B 59 6.59 15.60 -6.99
N HIS B 60 6.73 16.88 -6.60
CA HIS B 60 8.00 17.41 -6.11
C HIS B 60 9.10 17.32 -7.16
N VAL B 61 8.74 17.55 -8.42
CA VAL B 61 9.69 17.67 -9.52
C VAL B 61 9.47 18.96 -10.29
N LYS B 62 8.87 19.96 -9.65
CA LYS B 62 8.78 21.29 -10.24
C LYS B 62 10.14 21.96 -10.16
N ILE B 63 10.51 22.70 -11.20
CA ILE B 63 11.80 23.36 -11.23
C ILE B 63 11.60 24.85 -11.40
N SER B 64 12.58 25.63 -10.90
CA SER B 64 12.68 27.06 -11.16
C SER B 64 11.80 27.91 -10.24
N ALA B 65 10.49 27.72 -10.29
CA ALA B 65 9.58 28.51 -9.49
C ALA B 65 8.27 27.75 -9.37
N PRO B 66 7.47 28.04 -8.35
CA PRO B 66 6.10 27.48 -8.24
C PRO B 66 5.09 28.25 -9.07
N ASN B 67 5.23 28.23 -10.39
CA ASN B 67 4.40 29.07 -11.25
C ASN B 67 3.47 28.30 -12.18
N GLU B 68 3.27 26.99 -11.94
CA GLU B 68 2.40 26.20 -12.81
C GLU B 68 1.84 25.04 -11.99
N PHE B 69 0.51 24.99 -11.85
CA PHE B 69 -0.21 24.04 -11.02
C PHE B 69 -1.23 23.32 -11.87
N ASP B 70 -1.40 22.02 -11.66
CA ASP B 70 -2.35 21.25 -12.45
C ASP B 70 -3.32 20.54 -11.53
N VAL B 71 -4.62 20.75 -11.77
CA VAL B 71 -5.68 20.22 -10.94
C VAL B 71 -6.69 19.49 -11.82
N MET B 72 -7.10 18.32 -11.37
CA MET B 72 -8.08 17.53 -12.10
C MET B 72 -9.39 17.62 -11.32
N PHE B 73 -10.44 18.10 -11.99
CA PHE B 73 -11.80 18.00 -11.44
C PHE B 73 -12.43 16.75 -12.04
N LYS B 74 -12.62 15.73 -11.22
CA LYS B 74 -13.00 14.43 -11.72
C LYS B 74 -14.41 14.10 -11.28
N LEU B 75 -15.17 13.50 -12.18
CA LEU B 75 -16.60 13.27 -12.02
C LEU B 75 -16.86 11.79 -12.29
N GLU B 76 -17.33 11.08 -11.29
CA GLU B 76 -17.65 9.67 -11.47
C GLU B 76 -18.85 9.52 -12.40
N VAL B 77 -18.74 8.59 -13.37
CA VAL B 77 -19.83 8.29 -14.28
C VAL B 77 -20.01 6.77 -14.34
N PRO B 78 -21.20 6.25 -14.04
CA PRO B 78 -21.35 4.80 -13.92
C PRO B 78 -21.69 4.12 -15.24
N ARG B 79 -21.16 2.91 -15.40
CA ARG B 79 -21.38 2.09 -16.59
C ARG B 79 -21.35 2.89 -17.88
N ILE B 80 -20.18 3.38 -18.24
CA ILE B 80 -19.95 3.95 -19.57
C ILE B 80 -19.34 2.86 -20.41
N GLU B 81 -19.77 2.77 -21.66
CA GLU B 81 -19.13 1.89 -22.61
C GLU B 81 -18.09 2.68 -23.37
N LEU B 82 -16.87 2.16 -23.41
CA LEU B 82 -15.83 2.77 -24.20
C LEU B 82 -15.80 2.14 -25.59
N GLN B 83 -15.17 2.84 -26.53
CA GLN B 83 -15.09 2.37 -27.92
C GLN B 83 -13.86 3.02 -28.55
N GLU B 84 -12.78 2.24 -28.66
CA GLU B 84 -11.49 2.76 -29.06
C GLU B 84 -11.54 3.36 -30.47
N TYR B 85 -11.13 4.62 -30.58
CA TYR B 85 -11.09 5.32 -31.87
C TYR B 85 -10.00 4.71 -32.74
N TYR B 86 -10.42 4.08 -33.83
CA TYR B 86 -9.52 3.63 -34.90
C TYR B 86 -8.20 3.07 -34.39
N GLU B 87 -8.25 2.24 -33.36
CA GLU B 87 -7.14 1.41 -32.91
C GLU B 87 -5.98 2.21 -32.32
N THR B 88 -6.18 3.49 -32.01
CA THR B 88 -5.05 4.32 -31.60
C THR B 88 -4.55 4.05 -30.18
N GLY B 89 -5.32 3.33 -29.37
CA GLY B 89 -4.91 3.02 -28.02
C GLY B 89 -5.39 4.00 -26.96
N ALA B 90 -5.09 5.27 -27.15
CA ALA B 90 -5.26 6.25 -26.08
C ALA B 90 -6.52 7.10 -26.20
N PHE B 91 -7.23 7.03 -27.32
CA PHE B 91 -8.39 7.88 -27.62
C PHE B 91 -9.63 7.00 -27.78
N TYR B 92 -10.74 7.44 -27.18
CA TYR B 92 -11.96 6.65 -27.09
C TYR B 92 -13.18 7.55 -27.26
N LEU B 93 -14.28 6.94 -27.70
CA LEU B 93 -15.61 7.53 -27.61
C LEU B 93 -16.37 6.92 -26.43
N VAL B 94 -17.25 7.70 -25.83
CA VAL B 94 -17.94 7.31 -24.60
C VAL B 94 -19.42 7.22 -24.88
N LYS B 95 -20.06 6.14 -24.41
CA LYS B 95 -21.47 5.87 -24.66
C LYS B 95 -22.12 5.26 -23.43
N PHE B 96 -23.45 5.19 -23.44
CA PHE B 96 -24.23 4.62 -22.34
C PHE B 96 -25.12 3.44 -22.78
N PRO B 104 -28.67 13.84 -15.59
CA PRO B 104 -27.67 14.91 -15.41
C PRO B 104 -26.97 15.30 -16.73
N LEU B 105 -26.04 14.46 -17.17
CA LEU B 105 -25.19 14.77 -18.32
C LEU B 105 -25.92 14.74 -19.64
N SER B 106 -27.26 14.63 -19.59
CA SER B 106 -28.02 14.31 -20.80
C SER B 106 -27.71 15.28 -21.94
N HIS B 107 -27.48 16.55 -21.63
CA HIS B 107 -27.27 17.59 -22.64
C HIS B 107 -25.98 17.41 -23.44
N PHE B 108 -25.23 16.33 -23.18
CA PHE B 108 -23.99 16.09 -23.91
C PHE B 108 -24.02 14.75 -24.66
N VAL B 113 -23.84 8.99 -27.42
CA VAL B 113 -22.43 9.40 -27.48
C VAL B 113 -22.16 10.71 -26.74
N LEU B 114 -21.24 10.65 -25.77
CA LEU B 114 -20.96 11.77 -24.89
C LEU B 114 -19.92 12.68 -25.53
N SER B 115 -20.33 13.92 -25.83
CA SER B 115 -19.48 14.87 -26.53
C SER B 115 -18.46 15.51 -25.59
N ALA B 116 -17.18 15.31 -25.89
CA ALA B 116 -16.11 15.97 -25.13
C ALA B 116 -16.24 17.48 -25.21
N THR B 117 -16.35 18.04 -26.43
CA THR B 117 -16.40 19.49 -26.56
C THR B 117 -17.66 20.07 -25.91
N LYS B 118 -18.82 19.48 -26.19
CA LYS B 118 -20.06 19.98 -25.59
C LYS B 118 -19.93 20.09 -24.06
N MET B 119 -19.31 19.11 -23.42
CA MET B 119 -19.16 19.12 -21.96
C MET B 119 -18.08 20.08 -21.50
N LEU B 120 -16.96 20.18 -22.22
CA LEU B 120 -15.91 21.11 -21.81
C LEU B 120 -16.43 22.55 -21.81
N SER B 121 -17.22 22.92 -22.83
CA SER B 121 -17.64 24.31 -22.97
C SER B 121 -18.50 24.76 -21.81
N LYS B 122 -19.47 23.94 -21.39
CA LYS B 122 -20.26 24.34 -20.24
C LYS B 122 -19.36 24.48 -19.01
N PHE B 123 -18.45 23.52 -18.84
CA PHE B 123 -17.51 23.59 -17.70
C PHE B 123 -16.77 24.92 -17.75
N ARG B 124 -16.26 25.28 -18.93
CA ARG B 124 -15.47 26.53 -19.07
C ARG B 124 -16.40 27.71 -18.82
N LYS B 125 -17.64 27.64 -19.32
CA LYS B 125 -18.58 28.71 -19.01
C LYS B 125 -18.71 28.92 -17.50
N ILE B 126 -18.88 27.83 -16.75
CA ILE B 126 -19.05 27.96 -15.31
C ILE B 126 -17.80 28.58 -14.69
N ILE B 127 -16.62 28.09 -15.08
CA ILE B 127 -15.41 28.63 -14.50
C ILE B 127 -15.30 30.11 -14.81
N LYS B 128 -15.48 30.47 -16.09
CA LYS B 128 -15.28 31.86 -16.48
C LYS B 128 -16.23 32.79 -15.75
N GLU B 129 -17.48 32.36 -15.51
CA GLU B 129 -18.43 33.16 -14.75
C GLU B 129 -17.92 33.39 -13.32
N GLU B 130 -17.43 32.34 -12.68
CA GLU B 130 -17.00 32.49 -11.29
C GLU B 130 -15.73 33.32 -11.19
N VAL B 131 -14.89 33.31 -12.21
CA VAL B 131 -13.69 34.13 -12.14
C VAL B 131 -14.06 35.61 -12.23
N LYS B 132 -15.16 35.93 -12.93
CA LYS B 132 -15.62 37.32 -12.94
C LYS B 132 -15.97 37.80 -11.52
N GLU B 133 -16.41 36.89 -10.64
CA GLU B 133 -16.79 37.23 -9.28
C GLU B 133 -15.64 37.20 -8.27
N ILE B 134 -14.42 36.92 -8.70
CA ILE B 134 -13.27 36.96 -7.80
C ILE B 134 -12.73 38.38 -7.76
N LYS B 135 -12.79 39.00 -6.59
CA LYS B 135 -12.44 40.41 -6.47
C LYS B 135 -11.17 40.65 -5.68
N ASP B 136 -10.60 39.63 -5.04
CA ASP B 136 -9.44 39.80 -4.18
C ASP B 136 -8.13 39.26 -4.79
N ILE B 137 -8.18 38.65 -5.96
CA ILE B 137 -7.00 38.12 -6.62
C ILE B 137 -7.04 38.50 -8.09
N ASP B 138 -5.88 38.85 -8.64
CA ASP B 138 -5.78 39.22 -10.04
C ASP B 138 -5.70 37.93 -10.85
N VAL B 139 -6.84 37.46 -11.35
CA VAL B 139 -6.91 36.19 -12.05
C VAL B 139 -7.86 36.33 -13.24
N SER B 140 -7.42 35.86 -14.41
CA SER B 140 -8.22 35.83 -15.63
C SER B 140 -8.19 34.42 -16.21
N VAL B 141 -8.95 34.20 -17.29
CA VAL B 141 -9.01 32.90 -17.93
C VAL B 141 -8.33 32.99 -19.29
N GLU B 142 -7.20 32.30 -19.42
CA GLU B 142 -6.48 32.34 -20.69
C GLU B 142 -7.42 31.88 -21.80
N LYS B 143 -7.25 32.48 -22.99
CA LYS B 143 -7.98 32.03 -24.19
C LYS B 143 -7.72 30.55 -24.47
N GLU B 144 -8.77 29.85 -24.88
CA GLU B 144 -8.62 28.40 -25.05
C GLU B 144 -7.59 28.09 -26.13
N LYS B 145 -6.91 26.96 -25.97
CA LYS B 145 -5.84 26.43 -26.79
C LYS B 145 -6.27 25.12 -27.43
N PRO B 146 -5.95 24.90 -28.70
CA PRO B 146 -6.21 23.59 -29.31
C PRO B 146 -5.41 22.48 -28.62
N GLY B 147 -6.00 21.29 -28.59
CA GLY B 147 -5.32 20.15 -28.05
C GLY B 147 -5.11 20.15 -26.55
N SER B 148 -5.60 21.18 -25.86
CA SER B 148 -5.50 21.23 -24.41
C SER B 148 -6.87 21.02 -23.79
N PRO B 149 -7.05 19.97 -22.99
CA PRO B 149 -8.32 19.77 -22.31
C PRO B 149 -8.52 20.71 -21.13
N ALA B 150 -7.53 21.53 -20.80
CA ALA B 150 -7.57 22.32 -19.59
C ALA B 150 -8.37 23.60 -19.81
N VAL B 151 -8.91 24.13 -18.72
CA VAL B 151 -9.23 25.54 -18.63
C VAL B 151 -8.12 26.17 -17.82
N THR B 152 -7.42 27.13 -18.38
CA THR B 152 -6.19 27.64 -17.76
C THR B 152 -6.45 28.99 -17.11
N LEU B 153 -6.19 29.08 -15.82
CA LEU B 153 -6.19 30.36 -15.10
C LEU B 153 -4.81 31.01 -15.19
N LEU B 154 -4.80 32.32 -15.38
CA LEU B 154 -3.57 33.10 -15.27
C LEU B 154 -3.72 34.00 -14.05
N ILE B 155 -2.91 33.77 -13.02
CA ILE B 155 -2.97 34.49 -11.76
C ILE B 155 -1.80 35.46 -11.69
N ARG B 156 -2.00 36.54 -10.95
CA ARG B 156 -0.91 37.46 -10.68
C ARG B 156 -0.95 37.83 -9.20
N ASN B 157 -0.23 37.06 -8.36
CA ASN B 157 0.47 37.68 -7.25
C ASN B 157 1.36 38.67 -8.00
N PRO B 158 2.23 39.43 -7.34
CA PRO B 158 3.15 40.24 -8.16
C PRO B 158 3.74 39.40 -9.31
N GLU B 159 3.92 38.09 -9.07
CA GLU B 159 4.49 37.16 -10.04
C GLU B 159 3.39 36.37 -10.73
N GLU B 160 3.76 35.77 -11.86
CA GLU B 160 2.81 35.09 -12.74
C GLU B 160 2.74 33.60 -12.39
N ILE B 161 1.51 33.12 -12.15
CA ILE B 161 1.22 31.72 -11.89
C ILE B 161 0.14 31.23 -12.83
N SER B 162 0.27 29.99 -13.29
CA SER B 162 -0.65 29.41 -14.25
C SER B 162 -1.31 28.17 -13.64
N VAL B 163 -2.64 28.09 -13.71
CA VAL B 163 -3.37 26.93 -13.19
C VAL B 163 -4.15 26.26 -14.31
N ASP B 164 -3.92 24.97 -14.50
CA ASP B 164 -4.65 24.14 -15.45
C ASP B 164 -5.76 23.38 -14.70
N ILE B 165 -7.01 23.69 -15.01
CA ILE B 165 -8.14 22.96 -14.43
C ILE B 165 -8.58 21.93 -15.46
N ILE B 166 -8.19 20.68 -15.25
CA ILE B 166 -8.47 19.62 -16.21
C ILE B 166 -9.77 18.93 -15.82
N LEU B 167 -10.66 18.80 -16.80
CA LEU B 167 -11.92 18.08 -16.62
C LEU B 167 -11.69 16.62 -16.92
N ALA B 168 -12.20 15.74 -16.07
CA ALA B 168 -11.98 14.31 -16.27
C ALA B 168 -13.22 13.53 -15.91
N LEU B 169 -13.51 12.49 -16.70
CA LEU B 169 -14.42 11.43 -16.29
C LEU B 169 -13.66 10.40 -15.46
N GLU B 170 -14.33 9.84 -14.45
CA GLU B 170 -13.74 8.79 -13.63
C GLU B 170 -14.55 7.50 -13.80
N SER B 171 -13.93 6.47 -14.39
CA SER B 171 -14.53 5.16 -14.53
C SER B 171 -13.91 4.19 -13.52
N LYS B 172 -14.75 3.43 -12.83
CA LYS B 172 -14.31 2.50 -11.81
C LYS B 172 -14.20 1.07 -12.33
N GLY B 173 -14.19 0.90 -13.65
CA GLY B 173 -14.15 -0.43 -14.24
C GLY B 173 -12.75 -0.93 -14.49
N SER B 174 -12.68 -2.18 -14.92
CA SER B 174 -11.44 -2.74 -15.40
C SER B 174 -10.84 -1.78 -16.43
N TRP B 175 -9.51 -1.66 -16.46
CA TRP B 175 -8.90 -0.71 -17.39
C TRP B 175 -9.07 -1.16 -18.84
N PRO B 176 -9.05 -0.24 -19.80
CA PRO B 176 -9.27 -0.62 -21.20
C PRO B 176 -8.20 -1.59 -21.68
N ILE B 177 -8.61 -2.44 -22.64
CA ILE B 177 -7.75 -3.53 -23.09
C ILE B 177 -6.42 -2.99 -23.60
N SER B 178 -6.42 -1.80 -24.20
CA SER B 178 -5.19 -1.26 -24.74
C SER B 178 -4.09 -1.09 -23.70
N THR B 179 -4.42 -1.11 -22.41
CA THR B 179 -3.40 -1.00 -21.37
C THR B 179 -2.99 -2.36 -20.81
N LYS B 180 -3.50 -3.46 -21.36
CA LYS B 180 -3.21 -4.76 -20.78
C LYS B 180 -1.71 -4.99 -20.64
N GLU B 181 -0.93 -4.56 -21.62
CA GLU B 181 0.51 -4.69 -21.55
C GLU B 181 1.18 -3.45 -20.99
N GLY B 182 0.42 -2.49 -20.48
CA GLY B 182 0.98 -1.24 -20.01
C GLY B 182 1.60 -1.37 -18.64
N LEU B 183 2.15 -0.26 -18.16
CA LEU B 183 2.58 -0.14 -16.77
C LEU B 183 3.48 -1.31 -16.38
N PRO B 184 4.62 -1.49 -17.05
CA PRO B 184 5.42 -2.73 -16.91
C PRO B 184 6.38 -2.68 -15.73
N ILE B 185 5.84 -2.49 -14.54
CA ILE B 185 6.63 -2.23 -13.34
C ILE B 185 6.99 -3.53 -12.62
N GLN B 186 6.73 -4.69 -13.24
CA GLN B 186 6.73 -5.96 -12.50
C GLN B 186 8.07 -6.25 -11.83
N GLY B 187 9.19 -5.88 -12.47
CA GLY B 187 10.48 -6.17 -11.88
C GLY B 187 11.06 -5.01 -11.10
N TRP B 188 10.29 -3.92 -11.00
CA TRP B 188 10.74 -2.69 -10.37
C TRP B 188 9.89 -2.41 -9.12
N LEU B 189 8.60 -2.11 -9.27
CA LEU B 189 7.71 -2.00 -8.12
C LEU B 189 6.90 -3.29 -7.84
N GLY B 190 6.75 -4.20 -8.80
CA GLY B 190 6.32 -5.56 -8.50
C GLY B 190 4.87 -5.82 -8.93
N THR B 191 4.47 -7.09 -8.78
CA THR B 191 3.12 -7.50 -9.20
C THR B 191 2.04 -7.01 -8.23
N LYS B 192 2.30 -7.05 -6.91
CA LYS B 192 1.33 -6.53 -5.94
C LYS B 192 1.06 -5.04 -6.17
N VAL B 193 2.11 -4.21 -6.25
CA VAL B 193 1.90 -2.79 -6.55
C VAL B 193 1.12 -2.64 -7.85
N ARG B 194 1.51 -3.36 -8.89
CA ARG B 194 0.84 -3.22 -10.19
C ARG B 194 -0.61 -3.63 -10.09
N THR B 195 -0.89 -4.79 -9.49
CA THR B 195 -2.28 -5.24 -9.40
C THR B 195 -3.15 -4.25 -8.61
N ASN B 196 -2.60 -3.68 -7.50
CA ASN B 196 -3.33 -2.69 -6.71
C ASN B 196 -3.56 -1.41 -7.51
N LEU B 197 -2.53 -0.91 -8.19
CA LEU B 197 -2.70 0.29 -8.99
C LEU B 197 -3.76 0.10 -10.06
N ARG B 198 -3.79 -1.06 -10.70
CA ARG B 198 -4.77 -1.32 -11.74
C ARG B 198 -6.17 -1.51 -11.17
N ARG B 199 -6.30 -1.61 -9.85
CA ARG B 199 -7.60 -1.59 -9.18
C ARG B 199 -8.13 -0.18 -8.93
N GLU B 200 -7.28 0.84 -8.97
CA GLU B 200 -7.75 2.21 -8.88
C GLU B 200 -8.63 2.54 -10.08
N PRO B 201 -9.43 3.60 -10.01
CA PRO B 201 -10.15 4.09 -11.20
C PRO B 201 -9.18 4.42 -12.32
N PHE B 202 -9.73 4.69 -13.51
CA PHE B 202 -9.00 5.32 -14.60
C PHE B 202 -9.81 6.49 -15.13
N TYR B 203 -9.11 7.41 -15.80
CA TYR B 203 -9.69 8.72 -16.13
C TYR B 203 -9.64 9.01 -17.63
N LEU B 204 -10.54 9.91 -18.04
CA LEU B 204 -10.69 10.29 -19.45
C LEU B 204 -10.76 11.81 -19.53
N VAL B 205 -10.04 12.39 -20.48
CA VAL B 205 -10.05 13.84 -20.62
C VAL B 205 -10.26 14.18 -22.09
N PRO B 206 -10.80 15.36 -22.37
CA PRO B 206 -11.01 15.79 -23.76
C PRO B 206 -9.74 15.74 -24.60
N LYS B 207 -9.84 15.11 -25.78
CA LYS B 207 -8.90 15.34 -26.88
C LYS B 207 -9.41 16.59 -27.57
N ASN B 208 -8.81 17.74 -27.23
CA ASN B 208 -9.30 19.04 -27.67
C ASN B 208 -8.55 19.55 -28.91
N ALA B 209 -8.13 18.64 -29.78
CA ALA B 209 -7.47 19.02 -31.03
C ALA B 209 -8.46 19.64 -31.99
N LYS B 210 -7.97 20.57 -32.79
CA LYS B 210 -8.84 21.32 -33.69
C LYS B 210 -8.40 21.16 -35.14
N ASP B 211 -8.04 19.92 -35.50
CA ASP B 211 -7.44 19.63 -36.79
C ASP B 211 -8.46 19.47 -37.91
N GLY B 212 -9.70 19.12 -37.58
CA GLY B 212 -10.69 18.83 -38.59
C GLY B 212 -10.88 17.35 -38.90
N ASN B 213 -10.08 16.48 -38.29
CA ASN B 213 -10.20 15.05 -38.51
C ASN B 213 -11.52 14.54 -37.93
N SER B 214 -11.80 13.27 -38.21
CA SER B 214 -13.18 12.78 -38.18
C SER B 214 -13.89 12.98 -36.85
N PHE B 215 -13.59 12.17 -35.83
CA PHE B 215 -14.39 12.20 -34.61
C PHE B 215 -13.87 13.24 -33.61
N GLN B 216 -13.36 14.34 -34.15
CA GLN B 216 -12.57 15.29 -33.38
C GLN B 216 -13.26 15.70 -32.07
N GLY B 217 -14.53 16.06 -32.14
CA GLY B 217 -15.18 16.69 -31.01
C GLY B 217 -15.74 15.75 -29.97
N GLU B 218 -15.74 14.44 -30.23
CA GLU B 218 -16.29 13.47 -29.30
C GLU B 218 -15.23 12.55 -28.71
N THR B 219 -13.96 12.77 -29.01
CA THR B 219 -12.92 11.85 -28.56
C THR B 219 -12.35 12.30 -27.22
N TRP B 220 -12.19 11.35 -26.31
CA TRP B 220 -11.54 11.56 -25.03
C TRP B 220 -10.21 10.82 -25.02
N ARG B 221 -9.34 11.22 -24.09
CA ARG B 221 -8.00 10.65 -23.94
C ARG B 221 -7.87 9.99 -22.56
N LEU B 222 -7.15 8.87 -22.50
CA LEU B 222 -6.85 8.22 -21.23
C LEU B 222 -5.84 9.04 -20.45
N SER B 223 -6.10 9.22 -19.16
CA SER B 223 -5.19 9.91 -18.26
C SER B 223 -4.89 9.04 -17.06
N PHE B 224 -3.61 8.96 -16.72
CA PHE B 224 -3.16 8.21 -15.56
C PHE B 224 -2.37 9.08 -14.60
N SER B 225 -2.62 10.39 -14.60
CA SER B 225 -1.90 11.31 -13.71
C SER B 225 -1.98 10.86 -12.25
N HIS B 226 -3.03 10.16 -11.86
CA HIS B 226 -3.07 9.68 -10.48
C HIS B 226 -2.11 8.53 -10.28
N THR B 227 -1.98 7.64 -11.27
CA THR B 227 -0.98 6.58 -11.15
C THR B 227 0.43 7.13 -11.23
N GLU B 228 0.66 8.10 -12.12
CA GLU B 228 1.99 8.68 -12.24
C GLU B 228 2.43 9.36 -10.94
N LYS B 229 1.49 10.00 -10.23
CA LYS B 229 1.85 10.65 -8.97
C LYS B 229 2.29 9.62 -7.94
N TYR B 230 1.59 8.49 -7.86
CA TYR B 230 1.99 7.46 -6.92
C TYR B 230 3.38 6.95 -7.24
N ILE B 231 3.70 6.81 -8.53
CA ILE B 231 5.00 6.24 -8.90
C ILE B 231 6.11 7.19 -8.50
N LEU B 232 5.99 8.46 -8.91
CA LEU B 232 6.93 9.49 -8.53
C LEU B 232 7.16 9.52 -7.03
N ASN B 233 6.15 9.20 -6.23
CA ASN B 233 6.35 9.28 -4.79
C ASN B 233 6.62 7.91 -4.16
N ASN B 234 6.74 6.86 -4.97
CA ASN B 234 6.92 5.48 -4.55
C ASN B 234 7.80 4.78 -5.59
N HIS B 235 9.01 5.29 -5.78
CA HIS B 235 9.76 5.09 -7.02
C HIS B 235 10.90 4.12 -6.86
N GLY B 236 11.13 3.59 -5.67
CA GLY B 236 12.24 2.69 -5.44
C GLY B 236 11.82 1.23 -5.47
N ILE B 237 12.80 0.38 -5.78
CA ILE B 237 12.57 -1.04 -5.58
C ILE B 237 12.61 -1.37 -4.10
N GLU B 238 13.38 -0.60 -3.32
CA GLU B 238 13.41 -0.69 -1.87
C GLU B 238 12.29 0.18 -1.30
N LYS B 239 11.58 -0.32 -0.29
CA LYS B 239 10.48 0.45 0.25
C LYS B 239 10.96 1.73 0.92
N THR B 240 12.24 1.79 1.32
CA THR B 240 12.75 2.91 2.09
C THR B 240 13.45 3.94 1.24
N CYS B 241 13.53 3.74 -0.08
CA CYS B 241 14.20 4.71 -0.94
C CYS B 241 13.68 6.12 -0.66
N CYS B 242 14.61 7.03 -0.37
CA CYS B 242 14.34 8.47 -0.18
C CYS B 242 13.47 8.75 1.04
N GLU B 243 13.41 7.84 2.01
CA GLU B 243 12.67 8.06 3.25
C GLU B 243 13.66 8.45 4.34
N SER B 244 13.13 8.88 5.49
CA SER B 244 14.04 9.36 6.52
C SER B 244 14.98 8.25 7.05
N SER B 245 14.58 6.96 6.98
CA SER B 245 15.47 5.88 7.39
C SER B 245 15.98 5.06 6.21
N GLY B 246 15.88 5.58 4.99
CA GLY B 246 16.52 4.92 3.88
C GLY B 246 17.63 5.75 3.23
N ALA B 247 18.11 5.25 2.12
CA ALA B 247 19.11 5.97 1.33
C ALA B 247 18.40 6.85 0.31
N LYS B 248 18.92 8.05 0.11
CA LYS B 248 18.50 8.92 -0.97
C LYS B 248 19.03 8.40 -2.33
N CYS B 249 18.24 8.61 -3.38
CA CYS B 249 18.58 8.28 -4.76
C CYS B 249 18.45 9.54 -5.61
N CYS B 250 18.90 9.48 -6.86
CA CYS B 250 18.90 10.68 -7.70
C CYS B 250 17.94 10.57 -8.87
N ARG B 251 16.91 9.73 -8.74
CA ARG B 251 15.93 9.57 -9.81
C ARG B 251 15.19 10.87 -10.13
N LYS B 252 14.76 11.61 -9.09
CA LYS B 252 14.02 12.87 -9.33
C LYS B 252 14.94 13.99 -9.81
N GLU B 253 16.20 14.02 -9.35
CA GLU B 253 17.10 15.07 -9.84
C GLU B 253 17.38 14.89 -11.32
N CYS B 254 17.55 13.63 -11.78
CA CYS B 254 17.69 13.39 -13.22
C CYS B 254 16.47 13.86 -13.99
N LEU B 255 15.27 13.62 -13.47
CA LEU B 255 14.09 14.11 -14.18
C LEU B 255 14.10 15.63 -14.23
N LYS B 256 14.50 16.29 -13.14
CA LYS B 256 14.58 17.75 -13.15
C LYS B 256 15.61 18.26 -14.17
N LEU B 257 16.80 17.64 -14.17
CA LEU B 257 17.82 18.04 -15.13
C LEU B 257 17.33 17.88 -16.57
N MET B 258 16.80 16.70 -16.90
CA MET B 258 16.25 16.50 -18.25
C MET B 258 15.10 17.48 -18.56
N LYS B 259 14.27 17.80 -17.57
CA LYS B 259 13.23 18.81 -17.79
C LYS B 259 13.83 20.17 -18.07
N TYR B 260 14.88 20.52 -17.34
CA TYR B 260 15.49 21.84 -17.51
C TYR B 260 16.16 21.97 -18.87
N LEU B 261 16.94 20.96 -19.26
CA LEU B 261 17.59 20.98 -20.57
C LEU B 261 16.57 21.11 -21.69
N LEU B 262 15.39 20.49 -21.54
CA LEU B 262 14.38 20.63 -22.59
C LEU B 262 13.73 22.01 -22.54
N GLU B 263 13.47 22.52 -21.33
CA GLU B 263 12.94 23.87 -21.19
C GLU B 263 13.85 24.90 -21.88
N GLN B 264 15.14 24.84 -21.58
CA GLN B 264 16.07 25.83 -22.12
C GLN B 264 16.15 25.72 -23.63
N LEU B 265 16.18 24.50 -24.15
CA LEU B 265 16.19 24.34 -25.60
C LEU B 265 14.89 24.83 -26.22
N LYS B 266 13.77 24.70 -25.53
CA LYS B 266 12.49 25.11 -26.12
C LYS B 266 12.38 26.63 -26.16
N LYS B 267 12.89 27.34 -25.14
CA LYS B 267 13.01 28.80 -25.19
C LYS B 267 13.77 29.27 -26.44
N GLU B 268 14.82 28.55 -26.82
CA GLU B 268 15.75 29.02 -27.85
C GLU B 268 15.27 28.70 -29.25
N PHE B 269 14.49 27.64 -29.44
CA PHE B 269 14.21 27.12 -30.76
C PHE B 269 12.72 26.87 -30.90
N GLN B 270 12.12 27.50 -31.91
CA GLN B 270 10.72 27.26 -32.22
C GLN B 270 10.49 25.90 -32.86
N GLU B 271 11.54 25.33 -33.46
CA GLU B 271 11.46 23.99 -34.01
C GLU B 271 11.16 22.95 -32.94
N LEU B 272 11.45 23.24 -31.69
CA LEU B 272 11.18 22.30 -30.61
C LEU B 272 9.79 22.46 -30.04
N ASP B 273 8.90 23.15 -30.75
CA ASP B 273 7.59 23.46 -30.19
C ASP B 273 6.77 22.18 -29.94
N ALA B 274 6.93 21.14 -30.77
CA ALA B 274 6.14 19.93 -30.63
C ALA B 274 6.66 18.98 -29.54
N PHE B 275 7.67 19.41 -28.79
CA PHE B 275 8.13 18.69 -27.62
C PHE B 275 7.56 19.30 -26.36
N CYS B 276 7.38 18.47 -25.34
CA CYS B 276 6.86 18.92 -24.06
C CYS B 276 7.49 18.08 -22.97
N SER B 277 7.43 18.57 -21.73
CA SER B 277 8.03 17.84 -20.63
C SER B 277 7.49 16.41 -20.49
N TYR B 278 6.28 16.13 -20.98
CA TYR B 278 5.76 14.77 -20.84
C TYR B 278 6.61 13.77 -21.59
N HIS B 279 7.21 14.19 -22.70
CA HIS B 279 8.10 13.29 -23.41
C HIS B 279 9.26 12.86 -22.51
N VAL B 280 9.81 13.81 -21.74
CA VAL B 280 10.90 13.46 -20.84
C VAL B 280 10.38 12.57 -19.73
N LYS B 281 9.24 12.93 -19.13
CA LYS B 281 8.61 12.11 -18.11
C LYS B 281 8.45 10.67 -18.59
N THR B 282 7.93 10.49 -19.80
CA THR B 282 7.71 9.15 -20.31
C THR B 282 9.03 8.42 -20.51
N ALA B 283 10.03 9.11 -21.05
CA ALA B 283 11.30 8.43 -21.31
C ALA B 283 11.93 7.94 -20.02
N ILE B 284 11.71 8.66 -18.92
CA ILE B 284 12.40 8.31 -17.69
C ILE B 284 11.62 7.25 -16.92
N PHE B 285 10.32 7.13 -17.18
CA PHE B 285 9.61 5.95 -16.68
C PHE B 285 10.22 4.70 -17.31
N HIS B 286 10.53 4.75 -18.62
CA HIS B 286 11.15 3.61 -19.28
C HIS B 286 12.53 3.32 -18.72
N MET B 287 13.38 4.35 -18.58
CA MET B 287 14.67 4.18 -17.91
C MET B 287 14.50 3.53 -16.55
N TRP B 288 13.64 4.10 -15.71
CA TRP B 288 13.46 3.55 -14.37
C TRP B 288 13.07 2.08 -14.39
N THR B 289 12.41 1.63 -15.46
CA THR B 289 11.98 0.24 -15.58
C THR B 289 13.13 -0.65 -16.01
N GLN B 290 14.03 -0.13 -16.84
CA GLN B 290 15.16 -0.86 -17.36
C GLN B 290 16.33 -0.92 -16.37
N ASP B 291 16.46 0.12 -15.52
CA ASP B 291 17.43 0.16 -14.43
C ASP B 291 16.63 0.24 -13.14
N PRO B 292 16.12 -0.90 -12.61
CA PRO B 292 15.27 -0.86 -11.42
C PRO B 292 15.98 -0.70 -10.08
N GLN B 293 17.23 -1.14 -9.96
CA GLN B 293 17.92 -1.18 -8.67
C GLN B 293 18.18 0.25 -8.20
N ASP B 294 17.88 0.52 -6.93
CA ASP B 294 18.14 1.86 -6.39
C ASP B 294 19.63 2.20 -6.49
N SER B 295 20.52 1.20 -6.36
CA SER B 295 21.94 1.49 -6.41
C SER B 295 22.38 1.95 -7.79
N GLN B 296 21.59 1.68 -8.84
CA GLN B 296 21.85 2.24 -10.15
C GLN B 296 21.46 3.71 -10.25
N TRP B 297 20.81 4.27 -9.23
CA TRP B 297 20.47 5.69 -9.18
C TRP B 297 21.07 6.33 -7.92
N ASP B 298 22.29 5.93 -7.60
CA ASP B 298 22.98 6.41 -6.41
C ASP B 298 23.36 7.89 -6.57
N PRO B 299 23.24 8.68 -5.52
CA PRO B 299 23.53 10.12 -5.65
C PRO B 299 24.94 10.42 -6.11
N ARG B 300 25.90 9.58 -5.77
CA ARG B 300 27.27 9.86 -6.18
C ARG B 300 27.49 9.62 -7.68
N ASN B 301 26.56 8.96 -8.37
CA ASN B 301 26.67 8.71 -9.81
C ASN B 301 25.69 9.57 -10.59
N LEU B 302 25.42 10.77 -10.10
CA LEU B 302 24.45 11.63 -10.75
C LEU B 302 24.83 11.92 -12.19
N SER B 303 26.12 12.02 -12.48
CA SER B 303 26.51 12.36 -13.85
C SER B 303 26.22 11.21 -14.82
N SER B 304 26.75 10.01 -14.52
CA SER B 304 26.44 8.84 -15.35
C SER B 304 24.94 8.71 -15.53
N CYS B 305 24.17 8.83 -14.43
CA CYS B 305 22.72 8.65 -14.54
C CYS B 305 22.12 9.66 -15.52
N PHE B 306 22.42 10.94 -15.33
CA PHE B 306 21.94 11.93 -16.27
C PHE B 306 22.40 11.61 -17.68
N ASP B 307 23.61 11.08 -17.83
CA ASP B 307 24.13 10.83 -19.16
C ASP B 307 23.45 9.63 -19.81
N LYS B 308 23.31 8.52 -19.08
CA LYS B 308 22.63 7.39 -19.67
C LYS B 308 21.15 7.72 -19.90
N LEU B 309 20.59 8.71 -19.18
CA LEU B 309 19.27 9.22 -19.53
C LEU B 309 19.30 9.98 -20.85
N LEU B 310 20.35 10.79 -21.07
CA LEU B 310 20.46 11.50 -22.34
C LEU B 310 20.56 10.52 -23.50
N ALA B 311 21.42 9.51 -23.35
CA ALA B 311 21.59 8.54 -24.42
C ALA B 311 20.29 7.79 -24.67
N PHE B 312 19.62 7.37 -23.61
CA PHE B 312 18.34 6.70 -23.81
C PHE B 312 17.38 7.58 -24.59
N PHE B 313 17.37 8.88 -24.27
CA PHE B 313 16.48 9.81 -24.97
C PHE B 313 16.89 9.99 -26.44
N LEU B 314 18.19 9.93 -26.74
CA LEU B 314 18.59 10.04 -28.14
C LEU B 314 18.28 8.77 -28.92
N GLU B 315 18.37 7.60 -28.28
CA GLU B 315 17.92 6.37 -28.91
C GLU B 315 16.44 6.41 -29.23
N CYS B 316 15.64 7.05 -28.38
CA CYS B 316 14.23 7.27 -28.68
C CYS B 316 14.06 8.19 -29.89
N LEU B 317 14.86 9.26 -29.99
CA LEU B 317 14.79 10.12 -31.17
C LEU B 317 15.23 9.36 -32.42
N ARG B 318 16.38 8.70 -32.34
CA ARG B 318 16.98 8.06 -33.51
C ARG B 318 16.04 7.02 -34.11
N THR B 319 15.36 6.24 -33.27
CA THR B 319 14.42 5.23 -33.76
C THR B 319 12.99 5.75 -33.86
N GLU B 320 12.75 7.02 -33.53
CA GLU B 320 11.42 7.62 -33.58
C GLU B 320 10.40 6.79 -32.79
N LYS B 321 10.76 6.41 -31.57
CA LYS B 321 9.96 5.48 -30.79
C LYS B 321 9.98 5.89 -29.32
N LEU B 322 8.82 6.28 -28.80
CA LEU B 322 8.67 6.60 -27.37
C LEU B 322 7.23 6.24 -26.97
N ASP B 323 7.03 4.99 -26.57
CA ASP B 323 5.68 4.49 -26.29
C ASP B 323 5.12 5.06 -25.00
N HIS B 324 3.83 5.35 -25.02
CA HIS B 324 3.13 5.75 -23.82
C HIS B 324 3.32 4.71 -22.73
N TYR B 325 3.70 5.16 -21.52
CA TYR B 325 4.08 4.21 -20.49
C TYR B 325 2.92 3.31 -20.10
N PHE B 326 1.68 3.78 -20.28
CA PHE B 326 0.51 2.98 -19.94
C PHE B 326 -0.19 2.38 -21.15
N ILE B 327 0.07 2.90 -22.35
CA ILE B 327 -0.65 2.53 -23.56
C ILE B 327 0.42 2.12 -24.59
N PRO B 328 0.90 0.88 -24.55
CA PRO B 328 2.18 0.59 -25.23
C PRO B 328 2.13 0.82 -26.71
N LYS B 329 0.97 0.71 -27.35
CA LYS B 329 0.94 0.82 -28.80
C LYS B 329 0.90 2.25 -29.28
N PHE B 330 0.79 3.21 -28.36
CA PHE B 330 0.64 4.63 -28.70
C PHE B 330 2.02 5.27 -28.67
N ASN B 331 2.54 5.62 -29.84
CA ASN B 331 3.91 6.11 -29.97
C ASN B 331 3.89 7.64 -29.99
N LEU B 332 4.35 8.26 -28.90
CA LEU B 332 4.43 9.71 -28.83
C LEU B 332 5.40 10.29 -29.84
N PHE B 333 6.16 9.44 -30.55
CA PHE B 333 7.19 9.91 -31.46
C PHE B 333 6.92 9.52 -32.90
N SER B 334 5.72 9.05 -33.22
CA SER B 334 5.38 8.70 -34.60
C SER B 334 5.59 9.89 -35.52
N GLN B 335 5.82 9.59 -36.81
CA GLN B 335 5.78 10.63 -37.83
C GLN B 335 4.54 11.49 -37.70
N GLU B 336 3.42 10.88 -37.29
CA GLU B 336 2.14 11.59 -37.22
C GLU B 336 2.20 12.75 -36.22
N LEU B 337 2.85 12.55 -35.07
CA LEU B 337 2.78 13.63 -34.08
C LEU B 337 3.93 14.62 -34.20
N ILE B 338 5.12 14.15 -34.53
CA ILE B 338 6.31 14.97 -34.64
C ILE B 338 6.96 14.65 -35.98
N ASP B 339 7.03 15.63 -36.87
CA ASP B 339 7.76 15.42 -38.12
C ASP B 339 9.14 14.88 -37.79
N ARG B 340 9.69 14.07 -38.69
CA ARG B 340 11.06 13.60 -38.48
C ARG B 340 11.95 14.78 -38.10
N LYS B 341 12.35 15.58 -39.10
CA LYS B 341 13.28 16.71 -38.95
C LYS B 341 13.22 17.41 -37.59
N SER B 342 12.02 17.58 -37.00
CA SER B 342 11.96 18.09 -35.64
C SER B 342 12.83 17.26 -34.69
N LYS B 343 12.88 15.94 -34.89
CA LYS B 343 13.61 15.08 -33.97
C LYS B 343 15.13 15.21 -34.15
N GLU B 344 15.63 15.19 -35.39
CA GLU B 344 17.08 15.34 -35.55
C GLU B 344 17.53 16.74 -35.19
N PHE B 345 16.65 17.74 -35.29
CA PHE B 345 16.97 19.03 -34.72
C PHE B 345 17.26 18.89 -33.23
N LEU B 346 16.35 18.25 -32.48
CA LEU B 346 16.59 18.08 -31.06
C LEU B 346 17.80 17.19 -30.79
N SER B 347 18.05 16.20 -31.65
CA SER B 347 19.17 15.30 -31.46
C SER B 347 20.51 16.03 -31.56
N LYS B 348 20.71 16.83 -32.62
CA LYS B 348 21.96 17.58 -32.73
C LYS B 348 22.08 18.58 -31.59
N LYS B 349 21.03 19.33 -31.33
CA LYS B 349 21.07 20.28 -30.23
C LYS B 349 21.45 19.61 -28.93
N ILE B 350 20.97 18.38 -28.72
CA ILE B 350 21.18 17.68 -27.45
C ILE B 350 22.55 17.02 -27.41
N GLU B 351 22.92 16.29 -28.46
CA GLU B 351 24.30 15.84 -28.62
C GLU B 351 25.26 17.01 -28.45
N TYR B 352 24.86 18.20 -28.92
CA TYR B 352 25.69 19.40 -28.79
C TYR B 352 25.93 19.76 -27.32
N GLU B 353 24.86 20.07 -26.58
CA GLU B 353 24.98 20.37 -25.16
C GLU B 353 25.79 19.30 -24.44
N ARG B 354 25.49 18.03 -24.75
CA ARG B 354 26.17 16.91 -24.11
C ARG B 354 27.67 16.97 -24.33
N ASN B 355 28.11 17.20 -25.57
CA ASN B 355 29.52 17.06 -25.88
C ASN B 355 30.34 18.31 -25.58
N ASN B 356 29.73 19.39 -25.06
CA ASN B 356 30.45 20.57 -24.60
C ASN B 356 30.10 20.92 -23.15
N GLY B 357 29.78 19.92 -22.33
CA GLY B 357 29.52 20.16 -20.93
C GLY B 357 28.35 21.08 -20.65
N PHE B 358 27.32 21.05 -21.50
CA PHE B 358 26.07 21.74 -21.21
C PHE B 358 26.28 23.24 -21.02
N PRO B 359 26.64 23.96 -22.09
CA PRO B 359 26.68 25.43 -21.99
C PRO B 359 25.32 26.04 -21.67
N ILE B 360 24.25 25.52 -22.27
CA ILE B 360 22.95 26.12 -22.06
C ILE B 360 22.57 26.20 -20.59
N PHE B 361 23.24 25.44 -19.72
CA PHE B 361 22.85 25.40 -18.32
C PHE B 361 23.32 26.62 -17.53
N ASP B 362 24.22 27.43 -18.11
CA ASP B 362 24.79 28.60 -17.45
C ASP B 362 23.98 29.87 -17.68
N LYS B 363 23.05 29.84 -18.63
CA LYS B 363 22.22 31.01 -18.96
C LYS B 363 21.06 31.21 -17.97
#